data_6MET
#
_entry.id   6MET
#
_cell.length_a   1
_cell.length_b   1
_cell.length_c   1
_cell.angle_alpha   90
_cell.angle_beta   90
_cell.angle_gamma   90
#
_symmetry.space_group_name_H-M   'P 1'
#
loop_
_entity.id
_entity.type
_entity.pdbx_description
1 polymer 'Envelope glycoprotein gp160'
2 polymer 'T-cell surface glycoprotein CD4'
3 polymer 'C-C chemokine receptor type 5'
4 branched 2-acetamido-2-deoxy-beta-D-glucopyranose-(1-4)-2-acetamido-2-deoxy-beta-D-glucopyranose
5 branched beta-D-mannopyranose-(1-4)-2-acetamido-2-deoxy-beta-D-glucopyranose-(1-4)-2-acetamido-2-deoxy-beta-D-glucopyranose
6 branched alpha-D-mannopyranose-(1-2)-alpha-D-mannopyranose-(1-3)-[alpha-D-mannopyranose-(1-6)]beta-D-mannopyranose-(1-4)-2-acetamido-2-deoxy-beta-D-glucopyranose-(1-4)-2-acetamido-2-deoxy-beta-D-glucopyranose
7 non-polymer 2-acetamido-2-deoxy-beta-D-glucopyranose
8 non-polymer 2-acetamido-2-deoxy-alpha-D-galactopyranose
#
loop_
_entity_poly.entity_id
_entity_poly.type
_entity_poly.pdbx_seq_one_letter_code
_entity_poly.pdbx_strand_id
1 'polypeptide(L)'
;DNLWVTVYYGVPVWKEATTTLFCASDAKAYKAEVHNVWATHACVPTDPNPQEIVLENVTENFNMWKNNMVEQMHEDIISL
WDQSLKPCVKLTPLCVTLNCIDLNNSTNNNNSSGVKTGIDKGEIKNCSFNTTTSVKDKEKKEYALFYNLDVVQIGNDNTS
YRLTSCNTSVITQACPKVTFEPIPIHYCTPAGYAILKCNGKKFNGTGPCTNVSTVQCTHGIKPVVSTQLLLNGSLAEEDI
VIRSENLTNNAKTIIVQLKDPVDINCTRPNNNTRKSIHIGPGRAFYATGDIIGDIRQAHCNLSRAQWNDTLSKIVTKLRE
QFENKTIKFQPPSGGDPEIVFHSFNCGGEFFYCNTTQLFNSTWTNNTEGTSNTTGNDTITLPCRIKQIVNMWQEVGKAMY
APPIKGKIKCSSNITGLLLTRDGGNNEMNTTEIFRPGGGDMRDNWRSELYKYKVVRIEPLG
;
G
2 'polypeptide(L)'
;KKVVLGKKGDTVELTCTASQKKSIQFHWKNSNQIKILGNQGSFLTKGPSKLNDRADSRRSLWDQGNFPLIIKNLKIEDSD
TYICEVEDQKEEVQLLVFGLTANSDTHLLQGQSLTLTLESPPGSSPSVQCRSPRGKNIQGGKTLSVSQLELQDSGTWTCT
VLQNQKKVEFKIDIVVLAFQKASSIVYKKEGEQVEFSFPLAFTVEKLTGSGELWWQAERASSSKSWITFDLKNKEVSVKR
VTQDPKLQMGKKLPLHLTLPQALPQYAGSGNLTLALEAKTGKLHQEVNLVVMRATQLQKNLTCEVWGPTSPKLMLSLKLE
NKEAKVSKREKAVWVLNPEAGMWQCLLSDSGQVLLESNIKVLP
;
A
3 'polypeptide(L)'
;MDYQVSSPI(TYS)DIN(TYS)YTSEPCQKINVKQIAARLLPPLYSLVFIFGFVGNMLVILILINCKRLKSMTDIYLLNL
AISDLFFLLTVPFWAHYAAAQWDFGNTMCQLLTGLYFIGFFSGIFFIILLTIDRYLAVVHAVFALKARTVTFGVVTSVIT
WVVAVFASLPGIIFTRSQKEGLHYTCSSHFPYSQYQFWKNFQTLKIVILGLVLPLLVMVICYSGILKTLLRCRNEKKRHR
AVRLIFTIMIVYFLFWAPYNIVLLLNTFQEFFGLNNCSSSNRLDQAMQVTETLGMTHCCINPIIYAFVGEKFRNYLLVFF
Q
;
B
#
# COMPACT_ATOMS: atom_id res chain seq x y z
N ASP A 1 23.13 -5.93 50.44
CA ASP A 1 21.88 -6.43 51.00
C ASP A 1 21.19 -5.30 51.74
N ASN A 2 19.87 -5.40 51.85
CA ASN A 2 19.02 -4.44 52.53
C ASN A 2 18.41 -5.03 53.79
N LEU A 3 17.91 -4.13 54.64
CA LEU A 3 17.34 -4.46 55.92
C LEU A 3 16.58 -3.27 56.47
N TRP A 4 15.37 -3.53 56.93
CA TRP A 4 14.48 -2.55 57.51
C TRP A 4 13.88 -3.15 58.77
N VAL A 5 13.46 -2.30 59.70
CA VAL A 5 12.92 -2.80 60.95
C VAL A 5 11.41 -2.53 60.98
N THR A 6 10.71 -3.44 61.65
CA THR A 6 9.26 -3.35 61.81
C THR A 6 8.84 -2.19 62.72
N VAL A 7 7.54 -2.13 62.98
CA VAL A 7 6.95 -1.27 64.01
C VAL A 7 6.00 -2.15 64.83
N TYR A 8 6.33 -2.33 66.12
CA TYR A 8 5.54 -3.24 66.95
C TYR A 8 4.11 -2.75 67.13
N TYR A 9 3.92 -1.45 67.35
CA TYR A 9 2.59 -0.89 67.55
C TYR A 9 2.65 0.59 67.19
N GLY A 10 1.97 0.99 66.13
CA GLY A 10 1.71 2.38 65.88
C GLY A 10 0.42 2.60 65.12
N VAL A 11 -0.50 3.40 65.67
CA VAL A 11 -1.67 3.84 64.91
C VAL A 11 -1.75 5.37 65.00
N PRO A 12 -0.79 6.15 64.42
CA PRO A 12 -0.93 7.61 64.47
C PRO A 12 -1.77 8.16 63.33
N VAL A 13 -1.74 9.48 63.16
CA VAL A 13 -2.50 10.14 62.10
C VAL A 13 -1.83 9.87 60.76
N TRP A 14 -2.64 9.53 59.75
CA TRP A 14 -2.14 9.18 58.43
C TRP A 14 -2.09 10.42 57.53
N LYS A 15 -1.01 10.53 56.76
CA LYS A 15 -0.82 11.62 55.81
C LYS A 15 -0.27 11.04 54.53
N GLU A 16 -0.90 11.41 53.41
CA GLU A 16 -0.49 10.94 52.09
C GLU A 16 0.91 11.45 51.74
N ALA A 17 1.81 10.50 51.44
CA ALA A 17 3.19 10.79 51.12
C ALA A 17 3.48 10.49 49.66
N THR A 18 4.47 11.19 49.11
CA THR A 18 4.86 11.07 47.71
C THR A 18 6.36 10.78 47.58
N THR A 19 6.85 9.88 48.43
CA THR A 19 8.26 9.56 48.51
C THR A 19 8.71 8.60 47.40
N THR A 20 10.02 8.43 47.30
CA THR A 20 10.64 7.62 46.25
C THR A 20 10.89 6.22 46.78
N LEU A 21 10.25 5.23 46.17
CA LEU A 21 10.37 3.83 46.55
C LEU A 21 11.46 3.12 45.76
N PHE A 22 12.01 2.07 46.36
CA PHE A 22 13.01 1.21 45.73
C PHE A 22 12.41 -0.14 45.35
N CYS A 23 12.77 -0.62 44.16
CA CYS A 23 12.31 -1.92 43.70
C CYS A 23 13.03 -3.04 44.43
N ALA A 24 12.44 -4.24 44.36
CA ALA A 24 13.04 -5.43 44.99
C ALA A 24 12.55 -6.66 44.24
N SER A 25 13.39 -7.20 43.35
CA SER A 25 13.01 -8.37 42.57
C SER A 25 14.07 -9.46 42.71
N ASP A 26 13.64 -10.69 42.43
CA ASP A 26 14.51 -11.86 42.47
C ASP A 26 15.18 -12.00 41.11
N ALA A 27 16.41 -11.51 41.00
CA ALA A 27 17.14 -11.56 39.74
C ALA A 27 18.01 -12.82 39.70
N LYS A 28 18.87 -12.91 38.69
CA LYS A 28 19.81 -14.01 38.49
C LYS A 28 21.24 -13.54 38.34
N ALA A 29 21.46 -12.41 37.66
CA ALA A 29 22.75 -11.75 37.45
C ALA A 29 23.77 -12.60 36.68
N TYR A 30 23.35 -13.65 35.98
CA TYR A 30 24.30 -14.40 35.17
C TYR A 30 23.82 -14.56 33.73
N LYS A 31 22.51 -14.66 33.51
CA LYS A 31 22.00 -14.83 32.16
C LYS A 31 22.08 -13.51 31.38
N ALA A 32 21.86 -13.63 30.06
CA ALA A 32 21.83 -12.49 29.16
C ALA A 32 20.40 -11.91 29.05
N GLU A 33 19.49 -12.34 29.93
CA GLU A 33 18.16 -11.78 29.99
C GLU A 33 18.21 -10.33 30.46
N VAL A 34 17.49 -9.45 29.77
CA VAL A 34 17.57 -8.01 30.00
C VAL A 34 17.01 -7.65 31.36
N HIS A 35 15.85 -8.21 31.72
CA HIS A 35 15.23 -7.93 33.02
C HIS A 35 16.09 -8.43 34.18
N ASN A 36 16.92 -9.45 33.95
CA ASN A 36 17.91 -9.83 34.95
C ASN A 36 19.09 -8.86 34.99
N VAL A 37 19.40 -8.22 33.86
CA VAL A 37 20.49 -7.23 33.83
C VAL A 37 20.03 -5.94 34.50
N TRP A 38 18.81 -5.50 34.21
CA TRP A 38 18.29 -4.26 34.79
C TRP A 38 18.09 -4.40 36.30
N ALA A 39 17.58 -5.55 36.74
CA ALA A 39 17.37 -5.76 38.17
C ALA A 39 18.69 -5.89 38.91
N THR A 40 19.75 -6.31 38.22
CA THR A 40 21.04 -6.44 38.88
C THR A 40 21.64 -5.06 39.13
N HIS A 41 21.56 -4.17 38.15
CA HIS A 41 22.14 -2.84 38.33
C HIS A 41 21.25 -1.93 39.14
N ALA A 42 19.93 -2.09 39.07
CA ALA A 42 19.04 -1.31 39.92
C ALA A 42 17.80 -2.14 40.25
N CYS A 43 17.92 -2.93 41.33
CA CYS A 43 16.93 -3.60 42.18
C CYS A 43 17.74 -4.36 43.23
N VAL A 44 17.08 -4.74 44.31
CA VAL A 44 17.70 -5.49 45.40
C VAL A 44 17.00 -6.83 45.53
N PRO A 45 17.54 -7.82 46.25
CA PRO A 45 16.80 -9.08 46.41
C PRO A 45 15.55 -8.93 47.28
N THR A 46 14.62 -9.84 47.05
CA THR A 46 13.32 -9.82 47.71
C THR A 46 13.45 -10.12 49.20
N ASP A 47 12.46 -9.63 49.96
CA ASP A 47 12.39 -9.85 51.40
C ASP A 47 12.06 -11.32 51.68
N PRO A 48 12.93 -12.06 52.38
CA PRO A 48 12.62 -13.47 52.65
C PRO A 48 11.56 -13.68 53.71
N ASN A 49 11.36 -12.71 54.61
CA ASN A 49 10.38 -12.82 55.69
C ASN A 49 9.50 -11.58 55.68
N PRO A 50 8.40 -11.59 54.92
CA PRO A 50 7.48 -10.45 54.94
C PRO A 50 6.57 -10.49 56.15
N GLN A 51 6.12 -9.29 56.55
CA GLN A 51 5.25 -9.13 57.72
C GLN A 51 4.07 -8.26 57.35
N GLU A 52 2.86 -8.79 57.52
CA GLU A 52 1.62 -8.06 57.23
C GLU A 52 0.88 -7.87 58.56
N ILE A 53 0.95 -6.67 59.11
CA ILE A 53 0.25 -6.36 60.35
C ILE A 53 -1.19 -6.00 60.02
N VAL A 54 -2.13 -6.77 60.57
CA VAL A 54 -3.55 -6.59 60.29
C VAL A 54 -4.13 -5.61 61.29
N LEU A 55 -4.79 -4.56 60.79
CA LEU A 55 -5.44 -3.57 61.63
C LEU A 55 -6.91 -3.96 61.77
N GLU A 56 -7.32 -4.22 63.01
CA GLU A 56 -8.67 -4.69 63.32
C GLU A 56 -9.74 -3.68 62.89
N ASN A 57 -9.76 -2.50 63.50
CA ASN A 57 -10.79 -1.50 63.23
C ASN A 57 -10.16 -0.24 62.65
N VAL A 58 -9.98 -0.21 61.33
CA VAL A 58 -9.31 0.88 60.61
C VAL A 58 -9.95 0.98 59.23
N THR A 59 -10.27 2.20 58.80
CA THR A 59 -10.80 2.43 57.47
C THR A 59 -10.11 3.63 56.86
N GLU A 60 -10.12 3.68 55.53
CA GLU A 60 -9.44 4.75 54.78
C GLU A 60 -10.06 4.81 53.39
N ASN A 61 -10.00 6.00 52.78
CA ASN A 61 -10.59 6.26 51.47
C ASN A 61 -9.50 6.07 50.42
N PHE A 62 -9.34 4.84 49.96
CA PHE A 62 -8.33 4.54 48.93
C PHE A 62 -8.83 5.01 47.58
N ASN A 63 -8.48 6.24 47.22
CA ASN A 63 -8.67 6.68 45.85
C ASN A 63 -7.55 6.09 45.01
N MET A 64 -7.89 5.62 43.82
CA MET A 64 -6.95 4.87 43.01
C MET A 64 -6.58 5.56 41.70
N TRP A 65 -7.47 6.37 41.13
CA TRP A 65 -7.14 7.08 39.91
C TRP A 65 -6.36 8.36 40.17
N LYS A 66 -6.22 8.77 41.43
CA LYS A 66 -5.35 9.87 41.80
C LYS A 66 -4.11 9.38 42.54
N ASN A 67 -3.77 8.11 42.37
CA ASN A 67 -2.62 7.52 43.04
C ASN A 67 -1.34 7.98 42.36
N ASN A 68 -0.44 8.57 43.15
CA ASN A 68 0.85 9.03 42.65
C ASN A 68 1.89 7.93 42.58
N MET A 69 1.61 6.76 43.15
CA MET A 69 2.55 5.65 43.12
C MET A 69 2.63 5.03 41.73
N VAL A 70 1.51 4.98 41.01
CA VAL A 70 1.52 4.45 39.64
C VAL A 70 2.20 5.42 38.68
N GLU A 71 2.30 6.70 39.06
CA GLU A 71 3.06 7.66 38.25
C GLU A 71 4.56 7.45 38.37
N GLN A 72 5.01 6.71 39.39
CA GLN A 72 6.42 6.40 39.57
C GLN A 72 6.80 5.13 38.82
N MET A 73 5.94 4.10 38.85
CA MET A 73 6.21 2.87 38.08
C MET A 73 6.23 3.15 36.58
N HIS A 74 5.35 4.05 36.12
CA HIS A 74 5.31 4.44 34.71
C HIS A 74 6.59 5.15 34.28
N GLU A 75 7.26 5.84 35.19
CA GLU A 75 8.54 6.45 34.89
C GLU A 75 9.71 5.53 35.18
N ASP A 76 9.46 4.34 35.73
CA ASP A 76 10.50 3.34 35.98
C ASP A 76 10.52 2.24 34.93
N ILE A 77 9.49 2.13 34.10
CA ILE A 77 9.49 1.16 33.02
C ILE A 77 10.00 1.80 31.73
N ILE A 78 9.74 3.10 31.53
CA ILE A 78 10.33 3.86 30.43
C ILE A 78 11.86 3.86 30.52
N SER A 79 12.40 3.84 31.74
CA SER A 79 13.84 3.68 31.93
C SER A 79 14.33 2.27 31.62
N LEU A 80 13.45 1.29 31.46
CA LEU A 80 13.86 -0.05 31.07
C LEU A 80 13.83 -0.24 29.56
N TRP A 81 12.87 0.38 28.86
CA TRP A 81 12.81 0.25 27.41
C TRP A 81 13.89 1.03 26.69
N ASP A 82 14.55 1.97 27.37
CA ASP A 82 15.73 2.63 26.82
C ASP A 82 17.00 1.84 27.09
N GLN A 83 16.89 0.70 27.78
CA GLN A 83 18.00 -0.20 28.02
C GLN A 83 17.76 -1.59 27.47
N SER A 84 16.60 -1.86 26.88
CA SER A 84 16.23 -3.19 26.44
C SER A 84 16.21 -3.32 24.92
N LEU A 85 15.39 -2.52 24.24
CA LEU A 85 15.24 -2.60 22.79
C LEU A 85 15.66 -1.26 22.21
N LYS A 86 16.93 -1.16 21.83
CA LYS A 86 17.43 0.07 21.25
C LYS A 86 17.00 0.14 19.79
N PRO A 87 16.23 1.16 19.39
CA PRO A 87 15.70 1.20 18.04
C PRO A 87 16.76 1.61 17.01
N CYS A 88 16.55 1.13 15.79
CA CYS A 88 17.44 1.49 14.69
C CYS A 88 17.26 2.96 14.31
N VAL A 89 16.01 3.41 14.25
CA VAL A 89 15.66 4.80 13.97
C VAL A 89 14.63 5.21 15.01
N LYS A 90 15.01 6.15 15.87
CA LYS A 90 14.10 6.65 16.91
C LYS A 90 13.68 8.05 16.48
N LEU A 91 12.61 8.11 15.69
CA LEU A 91 12.07 9.37 15.22
C LEU A 91 11.14 9.95 16.28
N THR A 92 11.50 11.11 16.81
CA THR A 92 10.62 11.77 17.76
C THR A 92 10.44 13.24 17.38
N PRO A 93 9.24 13.79 17.58
CA PRO A 93 9.00 15.20 17.26
C PRO A 93 9.64 16.10 18.30
N LEU A 94 9.87 17.35 17.89
CA LEU A 94 10.49 18.34 18.77
C LEU A 94 10.09 19.73 18.29
N CYS A 95 9.19 20.38 19.02
CA CYS A 95 8.76 21.72 18.68
C CYS A 95 9.34 22.68 19.72
N VAL A 96 9.27 23.99 19.46
CA VAL A 96 9.81 24.90 20.45
C VAL A 96 8.77 25.82 21.08
N THR A 97 8.30 26.83 20.34
CA THR A 97 7.43 27.92 20.79
C THR A 97 6.98 28.77 19.60
N LEU A 98 5.68 28.84 19.34
CA LEU A 98 5.16 29.76 18.34
C LEU A 98 3.78 30.23 18.78
N ASN A 99 3.65 31.51 19.11
CA ASN A 99 2.38 32.09 19.54
C ASN A 99 2.24 33.48 18.96
N CYS A 100 1.04 34.03 19.06
CA CYS A 100 0.73 35.37 18.58
C CYS A 100 -0.03 36.14 19.65
N ILE A 101 0.02 37.46 19.52
CA ILE A 101 -0.66 38.35 20.47
C ILE A 101 -1.01 39.68 19.80
N ASP A 157 -4.31 33.32 23.15
CA ASP A 157 -5.70 32.89 22.86
C ASP A 157 -6.41 33.97 22.05
N ASN A 158 -6.20 35.25 22.40
CA ASN A 158 -6.83 36.38 21.69
C ASN A 158 -6.27 36.46 20.27
N THR A 159 -4.98 36.20 20.10
CA THR A 159 -4.32 36.24 18.78
C THR A 159 -4.13 34.84 18.21
N SER A 160 -3.96 34.74 16.89
CA SER A 160 -3.91 33.46 16.12
C SER A 160 -2.91 32.49 16.74
N TYR A 161 -3.29 31.20 16.78
CA TYR A 161 -2.50 30.18 17.47
C TYR A 161 -1.96 29.17 16.48
N ARG A 162 -1.37 29.66 15.39
CA ARG A 162 -0.80 28.81 14.34
C ARG A 162 0.62 28.45 14.71
N LEU A 163 0.83 27.25 15.25
CA LEU A 163 2.14 26.75 15.65
C LEU A 163 2.52 25.64 14.67
N THR A 164 3.29 25.99 13.64
CA THR A 164 3.75 25.01 12.66
C THR A 164 5.25 24.80 12.69
N SER A 165 5.94 25.26 13.73
CA SER A 165 7.39 25.10 13.84
C SER A 165 7.70 23.86 14.66
N CYS A 166 8.11 22.79 13.98
CA CYS A 166 8.40 21.52 14.65
C CYS A 166 9.51 20.79 13.91
N ASN A 167 10.45 20.24 14.67
CA ASN A 167 11.66 19.61 14.17
C ASN A 167 11.58 18.10 14.38
N THR A 168 12.00 17.33 13.36
CA THR A 168 12.00 15.86 13.43
C THR A 168 13.42 15.37 13.71
N SER A 169 13.74 15.20 14.99
CA SER A 169 15.04 14.67 15.37
C SER A 169 15.05 13.15 15.28
N VAL A 170 16.03 12.60 14.57
CA VAL A 170 16.18 11.16 14.40
C VAL A 170 17.48 10.70 15.03
N ILE A 171 17.43 9.57 15.73
CA ILE A 171 18.58 8.98 16.41
C ILE A 171 18.81 7.58 15.85
N THR A 172 20.04 7.29 15.43
CA THR A 172 20.41 6.00 14.87
C THR A 172 21.29 5.25 15.86
N GLN A 173 20.83 4.06 16.26
CA GLN A 173 21.55 3.22 17.21
C GLN A 173 21.64 1.81 16.68
N ALA A 174 22.53 1.02 17.29
CA ALA A 174 22.67 -0.39 16.94
C ALA A 174 21.48 -1.19 17.46
N CYS A 175 21.08 -2.21 16.70
CA CYS A 175 19.90 -3.02 17.00
C CYS A 175 20.27 -4.49 17.20
N PRO A 176 20.70 -4.89 18.40
CA PRO A 176 20.86 -6.33 18.66
C PRO A 176 19.57 -6.98 19.15
N LYS A 177 19.18 -8.09 18.54
CA LYS A 177 17.99 -8.82 18.99
C LYS A 177 18.34 -9.57 20.27
N VAL A 178 17.78 -9.11 21.39
CA VAL A 178 18.10 -9.64 22.70
C VAL A 178 16.90 -10.42 23.23
N THR A 179 17.13 -11.17 24.31
CA THR A 179 16.07 -11.91 24.97
C THR A 179 15.13 -10.95 25.70
N PHE A 180 13.91 -11.42 25.95
CA PHE A 180 12.89 -10.59 26.57
C PHE A 180 11.89 -11.48 27.31
N GLU A 181 11.78 -11.27 28.62
CA GLU A 181 10.84 -11.98 29.49
C GLU A 181 10.64 -11.18 30.77
N PRO A 182 9.39 -10.92 31.17
CA PRO A 182 9.16 -10.17 32.40
C PRO A 182 9.49 -10.97 33.65
N ILE A 183 9.68 -10.23 34.74
CA ILE A 183 10.03 -10.79 36.05
C ILE A 183 9.20 -10.08 37.12
N PRO A 184 8.59 -10.81 38.06
CA PRO A 184 7.79 -10.14 39.09
C PRO A 184 8.65 -9.34 40.05
N ILE A 185 8.29 -8.07 40.23
CA ILE A 185 9.03 -7.16 41.09
C ILE A 185 8.18 -6.83 42.33
N HIS A 186 8.83 -6.27 43.35
CA HIS A 186 8.18 -5.84 44.58
C HIS A 186 8.66 -4.43 44.90
N TYR A 187 7.75 -3.47 44.91
CA TYR A 187 8.07 -2.12 45.34
C TYR A 187 7.99 -2.04 46.85
N CYS A 188 9.09 -1.63 47.48
CA CYS A 188 9.20 -1.55 48.92
C CYS A 188 9.32 -0.10 49.34
N THR A 189 8.78 0.21 50.52
CA THR A 189 8.76 1.55 51.07
C THR A 189 10.13 1.96 51.63
N PRO A 190 10.48 3.25 51.51
CA PRO A 190 11.74 3.74 52.10
C PRO A 190 11.63 4.03 53.59
N ALA A 191 12.67 4.63 54.15
CA ALA A 191 12.78 4.86 55.59
C ALA A 191 11.79 5.93 56.05
N GLY A 192 10.87 5.54 56.93
CA GLY A 192 9.97 6.49 57.55
C GLY A 192 8.54 6.37 57.10
N TYR A 193 8.31 5.65 55.99
CA TYR A 193 6.93 5.56 55.44
C TYR A 193 6.39 4.14 55.55
N ALA A 194 5.11 3.96 55.19
CA ALA A 194 4.47 2.66 55.23
C ALA A 194 3.47 2.56 54.10
N ILE A 195 3.17 1.32 53.72
CA ILE A 195 2.24 1.04 52.63
C ILE A 195 1.07 0.23 53.19
N LEU A 196 -0.14 0.77 53.05
CA LEU A 196 -1.36 0.11 53.49
C LEU A 196 -1.90 -0.79 52.38
N LYS A 197 -2.86 -1.64 52.75
CA LYS A 197 -3.43 -2.61 51.81
C LYS A 197 -4.79 -3.04 52.32
N CYS A 198 -5.83 -2.86 51.50
CA CYS A 198 -7.13 -3.43 51.79
C CYS A 198 -7.14 -4.93 51.53
N ASN A 199 -8.12 -5.61 52.12
CA ASN A 199 -8.31 -7.04 51.91
C ASN A 199 -9.74 -7.38 51.51
N GLY A 200 -10.54 -6.37 51.17
CA GLY A 200 -11.89 -6.62 50.73
C GLY A 200 -11.90 -7.26 49.35
N LYS A 201 -12.82 -8.21 49.16
CA LYS A 201 -12.86 -8.99 47.93
C LYS A 201 -13.51 -8.25 46.77
N LYS A 202 -14.12 -7.09 47.02
CA LYS A 202 -14.71 -6.27 45.96
C LYS A 202 -13.96 -4.97 45.74
N PHE A 203 -13.80 -4.17 46.80
CA PHE A 203 -12.95 -2.98 46.92
C PHE A 203 -13.38 -1.79 46.06
N ASN A 204 -14.35 -1.97 45.15
CA ASN A 204 -15.16 -0.94 44.49
C ASN A 204 -14.36 0.04 43.63
N GLY A 205 -13.03 0.01 43.69
CA GLY A 205 -12.25 1.02 42.99
C GLY A 205 -11.77 2.09 43.95
N THR A 206 -12.44 3.24 43.91
CA THR A 206 -12.13 4.38 44.78
C THR A 206 -13.01 4.40 46.02
N GLY A 207 -13.41 3.23 46.53
CA GLY A 207 -14.26 3.15 47.69
C GLY A 207 -13.54 2.67 48.93
N PRO A 208 -13.97 3.15 50.10
CA PRO A 208 -13.33 2.76 51.35
C PRO A 208 -13.68 1.35 51.76
N CYS A 209 -12.65 0.59 52.15
CA CYS A 209 -12.84 -0.76 52.68
C CYS A 209 -12.77 -0.69 54.20
N THR A 210 -12.81 -1.86 54.84
CA THR A 210 -12.73 -1.95 56.29
C THR A 210 -11.59 -2.84 56.79
N ASN A 211 -11.12 -3.78 55.97
CA ASN A 211 -10.06 -4.71 56.38
C ASN A 211 -8.71 -4.19 55.88
N VAL A 212 -8.27 -3.10 56.48
CA VAL A 212 -7.00 -2.47 56.12
C VAL A 212 -5.88 -3.18 56.86
N SER A 213 -4.84 -3.58 56.14
CA SER A 213 -3.63 -4.15 56.73
C SER A 213 -2.41 -3.49 56.12
N THR A 214 -1.38 -3.28 56.92
CA THR A 214 -0.16 -2.62 56.45
C THR A 214 0.90 -3.65 56.10
N VAL A 215 1.73 -3.33 55.12
CA VAL A 215 2.81 -4.18 54.63
C VAL A 215 4.07 -3.34 54.47
N GLN A 216 5.11 -3.97 53.94
CA GLN A 216 6.36 -3.28 53.64
C GLN A 216 6.78 -3.40 52.18
N CYS A 217 6.27 -4.39 51.44
CA CYS A 217 6.59 -4.58 50.03
C CYS A 217 5.34 -5.11 49.34
N THR A 218 5.17 -4.74 48.07
CA THR A 218 4.02 -5.19 47.31
C THR A 218 4.20 -6.63 46.85
N HIS A 219 3.14 -7.18 46.24
CA HIS A 219 3.16 -8.53 45.73
C HIS A 219 3.84 -8.58 44.37
N GLY A 220 3.76 -9.75 43.71
CA GLY A 220 4.43 -9.93 42.43
C GLY A 220 3.78 -9.12 41.32
N ILE A 221 4.55 -8.20 40.73
CA ILE A 221 4.05 -7.30 39.71
C ILE A 221 4.90 -7.49 38.46
N LYS A 222 4.27 -7.87 37.36
CA LYS A 222 5.10 -8.00 36.18
C LYS A 222 4.99 -6.76 35.29
N PRO A 223 6.11 -6.37 34.67
CA PRO A 223 6.10 -5.16 33.82
C PRO A 223 5.58 -5.36 32.40
N VAL A 224 4.79 -6.42 32.18
CA VAL A 224 4.27 -6.75 30.85
C VAL A 224 3.45 -5.59 30.27
N VAL A 225 3.75 -5.27 29.01
CA VAL A 225 3.13 -4.16 28.30
C VAL A 225 2.19 -4.74 27.25
N SER A 226 0.89 -4.49 27.41
CA SER A 226 -0.07 -5.04 26.45
C SER A 226 -1.30 -4.14 26.37
N THR A 227 -2.08 -4.36 25.30
CA THR A 227 -3.31 -3.62 25.05
C THR A 227 -4.44 -4.61 24.78
N GLN A 228 -5.66 -4.20 25.15
CA GLN A 228 -6.96 -4.84 24.91
C GLN A 228 -7.19 -6.12 25.71
N LEU A 229 -6.14 -6.65 26.33
CA LEU A 229 -6.20 -7.87 27.14
C LEU A 229 -5.04 -7.79 28.11
N LEU A 230 -5.34 -7.72 29.40
CA LEU A 230 -4.28 -7.65 30.40
C LEU A 230 -3.67 -9.04 30.57
N LEU A 231 -2.37 -9.14 30.30
CA LEU A 231 -1.61 -10.38 30.39
C LEU A 231 -1.21 -10.67 31.82
N ASN A 232 -0.15 -11.47 32.00
CA ASN A 232 0.39 -11.99 33.25
C ASN A 232 0.29 -11.07 34.46
N GLY A 233 -0.30 -11.56 35.55
CA GLY A 233 -0.52 -10.74 36.71
C GLY A 233 -1.40 -11.46 37.71
N SER A 234 -1.91 -10.69 38.67
CA SER A 234 -2.72 -11.23 39.74
C SER A 234 -4.18 -11.40 39.31
N LEU A 235 -4.83 -12.39 39.90
CA LEU A 235 -6.22 -12.70 39.61
C LEU A 235 -7.14 -12.14 40.70
N ALA A 236 -8.44 -12.18 40.42
CA ALA A 236 -9.43 -11.78 41.40
C ALA A 236 -9.56 -12.84 42.49
N GLU A 237 -10.18 -12.45 43.60
CA GLU A 237 -10.30 -13.36 44.74
C GLU A 237 -11.45 -14.36 44.56
N GLU A 238 -12.68 -13.84 44.47
CA GLU A 238 -13.85 -14.71 44.39
C GLU A 238 -14.79 -14.40 43.23
N ASP A 239 -14.84 -13.15 42.77
CA ASP A 239 -15.78 -12.83 41.67
C ASP A 239 -15.16 -11.80 40.72
N ILE A 240 -15.51 -11.91 39.43
CA ILE A 240 -15.06 -10.95 38.43
C ILE A 240 -15.67 -9.59 38.75
N VAL A 241 -14.81 -8.62 39.06
CA VAL A 241 -15.24 -7.28 39.42
C VAL A 241 -14.84 -6.31 38.31
N ILE A 242 -15.59 -5.22 38.21
CA ILE A 242 -15.31 -4.17 37.23
C ILE A 242 -14.91 -2.91 37.98
N ARG A 243 -14.00 -2.15 37.37
CA ARG A 243 -13.53 -0.91 37.97
C ARG A 243 -13.49 0.18 36.90
N SER A 244 -13.98 1.35 37.28
CA SER A 244 -13.97 2.53 36.41
C SER A 244 -14.10 3.77 37.29
N GLU A 245 -13.46 4.85 36.87
CA GLU A 245 -13.44 6.07 37.65
C GLU A 245 -14.83 6.72 37.72
N ASN A 246 -15.57 6.66 36.63
CA ASN A 246 -16.93 7.21 36.59
C ASN A 246 -17.68 6.54 35.45
N LEU A 247 -18.81 5.92 35.78
CA LEU A 247 -19.65 5.28 34.77
C LEU A 247 -20.52 6.35 34.13
N THR A 248 -21.17 5.99 33.02
CA THR A 248 -22.13 6.82 32.25
C THR A 248 -21.51 8.12 31.73
N ASN A 249 -20.18 8.21 31.66
CA ASN A 249 -19.51 9.39 31.15
C ASN A 249 -18.65 9.07 29.93
N ASN A 250 -18.64 7.78 29.52
CA ASN A 250 -18.01 7.14 28.36
C ASN A 250 -16.67 7.74 27.92
N ALA A 251 -15.81 8.04 28.87
CA ALA A 251 -14.47 8.55 28.62
C ALA A 251 -13.42 7.77 29.40
N LYS A 252 -13.72 7.36 30.62
CA LYS A 252 -12.80 6.57 31.44
C LYS A 252 -12.91 5.10 31.06
N THR A 253 -11.77 4.43 30.95
CA THR A 253 -11.77 3.02 30.60
C THR A 253 -12.24 2.17 31.79
N ILE A 254 -12.93 1.08 31.47
CA ILE A 254 -13.47 0.17 32.47
C ILE A 254 -12.54 -1.02 32.60
N ILE A 255 -11.93 -1.17 33.78
CA ILE A 255 -11.02 -2.27 34.04
C ILE A 255 -11.83 -3.45 34.56
N VAL A 256 -11.74 -4.57 33.86
CA VAL A 256 -12.43 -5.81 34.25
C VAL A 256 -11.37 -6.82 34.63
N GLN A 257 -11.40 -7.26 35.89
CA GLN A 257 -10.43 -8.22 36.40
C GLN A 257 -11.09 -9.59 36.52
N LEU A 258 -10.44 -10.61 35.98
CA LEU A 258 -11.00 -11.95 35.93
C LEU A 258 -10.60 -12.76 37.16
N LYS A 259 -11.42 -13.74 37.49
CA LYS A 259 -11.18 -14.65 38.60
C LYS A 259 -10.69 -16.02 38.15
N ASP A 260 -10.67 -16.25 36.84
CA ASP A 260 -10.20 -17.55 36.29
C ASP A 260 -9.18 -17.27 35.18
N PRO A 261 -7.98 -17.91 35.17
CA PRO A 261 -7.00 -17.62 34.11
C PRO A 261 -7.37 -18.24 32.77
N VAL A 262 -7.63 -17.39 31.79
CA VAL A 262 -7.83 -17.83 30.41
C VAL A 262 -6.47 -17.91 29.76
N ASP A 263 -6.09 -19.13 29.34
CA ASP A 263 -4.79 -19.42 28.70
C ASP A 263 -4.78 -19.01 27.23
N ILE A 264 -3.58 -18.76 26.68
CA ILE A 264 -3.40 -18.39 25.28
C ILE A 264 -2.00 -18.83 24.84
N ASN A 265 -1.92 -19.46 23.67
CA ASN A 265 -0.66 -19.93 23.11
C ASN A 265 -0.47 -19.25 21.78
N CYS A 266 0.56 -18.42 21.68
CA CYS A 266 0.85 -17.66 20.46
C CYS A 266 2.20 -18.09 19.93
N THR A 267 2.20 -18.77 18.79
CA THR A 267 3.43 -19.28 18.20
C THR A 267 3.40 -19.11 16.69
N ARG A 268 4.59 -19.15 16.08
CA ARG A 268 4.69 -19.14 14.63
C ARG A 268 5.20 -20.50 14.14
N PRO A 269 4.62 -21.04 13.07
CA PRO A 269 5.08 -22.33 12.56
C PRO A 269 6.39 -22.19 11.78
N ASN A 270 7.33 -23.08 12.08
CA ASN A 270 8.67 -23.03 11.43
C ASN A 270 8.62 -23.75 10.07
N ASN A 271 7.89 -23.16 9.11
CA ASN A 271 7.83 -23.70 7.75
C ASN A 271 8.28 -22.68 6.71
N ASN A 272 8.76 -21.51 7.16
CA ASN A 272 9.33 -20.52 6.26
C ASN A 272 10.54 -21.05 5.50
N THR A 273 11.47 -21.67 6.20
CA THR A 273 12.65 -22.26 5.56
C THR A 273 12.32 -23.62 4.98
N ARG A 274 12.76 -23.88 3.75
CA ARG A 274 12.44 -25.13 3.09
C ARG A 274 13.38 -26.24 3.54
N LYS A 275 12.81 -27.44 3.69
CA LYS A 275 13.58 -28.61 4.05
C LYS A 275 13.60 -29.65 2.93
N SER A 276 12.97 -29.37 1.80
CA SER A 276 13.02 -30.28 0.67
C SER A 276 14.22 -29.93 -0.19
N ILE A 277 14.95 -30.94 -0.65
CA ILE A 277 16.14 -30.76 -1.46
C ILE A 277 15.89 -31.24 -2.88
N HIS A 278 16.11 -30.37 -3.85
CA HIS A 278 15.95 -30.69 -5.27
C HIS A 278 17.27 -31.22 -5.84
N ILE A 279 17.77 -32.28 -5.21
CA ILE A 279 19.08 -32.86 -5.50
C ILE A 279 19.13 -33.46 -6.90
N GLY A 280 19.73 -32.72 -7.84
CA GLY A 280 19.71 -33.17 -9.24
C GLY A 280 19.89 -32.02 -10.23
N PRO A 281 18.99 -31.86 -11.21
CA PRO A 281 19.12 -30.83 -12.25
C PRO A 281 19.17 -29.39 -11.71
N GLY A 282 18.41 -29.10 -10.65
CA GLY A 282 18.42 -27.75 -10.05
C GLY A 282 19.44 -27.67 -8.94
N ARG A 283 19.01 -27.52 -7.69
CA ARG A 283 19.96 -27.57 -6.56
C ARG A 283 20.91 -26.37 -6.63
N ALA A 284 20.65 -25.45 -7.57
CA ALA A 284 21.48 -24.26 -7.67
C ALA A 284 20.70 -22.98 -7.35
N PHE A 285 19.50 -22.83 -7.92
CA PHE A 285 18.74 -21.60 -7.75
C PHE A 285 17.83 -21.71 -6.53
N TYR A 286 16.96 -22.73 -6.53
CA TYR A 286 16.00 -23.07 -5.49
C TYR A 286 16.62 -23.82 -4.30
N ALA A 287 17.95 -23.77 -4.16
CA ALA A 287 18.75 -24.43 -3.11
C ALA A 287 18.24 -24.25 -1.68
N THR A 288 18.66 -25.14 -0.79
CA THR A 288 17.90 -25.52 0.40
C THR A 288 18.18 -24.58 1.57
N GLY A 289 17.15 -24.32 2.36
CA GLY A 289 17.13 -23.24 3.31
C GLY A 289 16.64 -21.92 2.76
N ASP A 290 16.05 -21.93 1.57
CA ASP A 290 15.46 -20.73 0.98
C ASP A 290 14.09 -20.47 1.57
N ILE A 291 13.88 -19.23 2.05
CA ILE A 291 12.61 -18.79 2.61
C ILE A 291 11.50 -18.93 1.58
N ILE A 292 10.40 -19.58 1.99
CA ILE A 292 9.24 -19.71 1.10
C ILE A 292 7.99 -19.06 1.68
N GLY A 293 7.91 -18.95 3.01
CA GLY A 293 6.76 -18.40 3.67
C GLY A 293 6.97 -17.00 4.24
N ASP A 294 5.88 -16.43 4.75
CA ASP A 294 5.94 -15.11 5.37
C ASP A 294 6.57 -15.24 6.75
N ILE A 295 7.61 -14.46 6.99
CA ILE A 295 8.37 -14.54 8.24
C ILE A 295 7.83 -13.56 9.27
N ARG A 296 6.66 -12.97 8.99
CA ARG A 296 6.03 -12.02 9.89
C ARG A 296 4.59 -12.41 10.18
N GLN A 297 4.31 -13.71 10.18
CA GLN A 297 2.96 -14.23 10.37
C GLN A 297 2.96 -15.25 11.49
N ALA A 298 1.93 -15.21 12.32
CA ALA A 298 1.77 -16.17 13.41
C ALA A 298 0.28 -16.43 13.60
N HIS A 299 -0.06 -17.14 14.69
CA HIS A 299 -1.43 -17.52 14.98
C HIS A 299 -1.52 -17.89 16.46
N CYS A 300 -2.62 -17.51 17.10
CA CYS A 300 -2.89 -17.90 18.47
C CYS A 300 -4.10 -18.81 18.52
N ASN A 301 -4.36 -19.37 19.70
CA ASN A 301 -5.52 -20.22 19.94
C ASN A 301 -6.09 -19.94 21.31
N LEU A 302 -7.41 -19.81 21.38
CA LEU A 302 -8.13 -19.57 22.62
C LEU A 302 -9.15 -20.67 22.84
N SER A 303 -9.15 -21.24 24.04
CA SER A 303 -10.07 -22.31 24.41
C SER A 303 -11.48 -21.72 24.51
N ARG A 304 -12.29 -21.96 23.47
CA ARG A 304 -13.64 -21.42 23.41
C ARG A 304 -14.52 -21.96 24.53
N ALA A 305 -14.33 -23.23 24.90
CA ALA A 305 -15.14 -23.83 25.95
C ALA A 305 -14.84 -23.27 27.33
N GLN A 306 -13.67 -22.64 27.51
CA GLN A 306 -13.31 -22.02 28.78
C GLN A 306 -13.47 -20.52 28.78
N TRP A 307 -13.20 -19.86 27.65
CA TRP A 307 -13.33 -18.42 27.56
C TRP A 307 -14.79 -17.96 27.58
N ASN A 308 -15.71 -18.83 27.11
CA ASN A 308 -17.12 -18.48 27.08
C ASN A 308 -17.71 -18.40 28.49
N ASP A 309 -17.14 -19.14 29.44
CA ASP A 309 -17.60 -19.07 30.83
C ASP A 309 -17.26 -17.73 31.46
N THR A 310 -16.03 -17.26 31.26
CA THR A 310 -15.57 -16.02 31.89
C THR A 310 -16.27 -14.81 31.28
N LEU A 311 -16.54 -14.84 29.98
CA LEU A 311 -17.24 -13.73 29.36
C LEU A 311 -18.72 -13.71 29.75
N SER A 312 -19.29 -14.88 30.03
CA SER A 312 -20.66 -14.97 30.53
C SER A 312 -20.82 -14.41 31.93
N LYS A 313 -19.74 -14.29 32.69
CA LYS A 313 -19.79 -13.67 34.01
C LYS A 313 -19.61 -12.16 33.95
N ILE A 314 -18.98 -11.66 32.89
CA ILE A 314 -18.82 -10.22 32.71
C ILE A 314 -20.16 -9.55 32.43
N VAL A 315 -20.97 -10.17 31.56
CA VAL A 315 -22.26 -9.61 31.19
C VAL A 315 -23.27 -9.65 32.33
N THR A 316 -23.08 -10.55 33.31
CA THR A 316 -23.96 -10.54 34.47
C THR A 316 -23.66 -9.38 35.39
N LYS A 317 -22.39 -8.98 35.49
CA LYS A 317 -22.03 -7.82 36.32
C LYS A 317 -22.56 -6.53 35.70
N LEU A 318 -22.51 -6.43 34.37
CA LEU A 318 -22.97 -5.22 33.68
C LEU A 318 -24.48 -5.05 33.81
N ARG A 319 -25.24 -6.15 33.79
CA ARG A 319 -26.69 -6.08 33.90
C ARG A 319 -27.13 -5.53 35.24
N GLU A 320 -26.48 -5.96 36.32
CA GLU A 320 -26.77 -5.43 37.65
C GLU A 320 -26.38 -3.96 37.76
N GLN A 321 -25.27 -3.58 37.12
CA GLN A 321 -24.77 -2.22 37.23
C GLN A 321 -25.59 -1.24 36.40
N PHE A 322 -26.05 -1.65 35.21
CA PHE A 322 -26.62 -0.71 34.24
C PHE A 322 -28.09 -0.98 33.97
N GLU A 323 -28.78 -1.72 34.84
CA GLU A 323 -30.24 -1.84 34.89
C GLU A 323 -30.83 -2.45 33.62
N ASN A 324 -30.42 -3.70 33.36
CA ASN A 324 -31.08 -4.63 32.44
C ASN A 324 -31.06 -4.11 30.99
N LYS A 325 -29.86 -3.96 30.46
CA LYS A 325 -29.70 -3.49 29.09
C LYS A 325 -29.19 -4.61 28.19
N THR A 326 -29.15 -4.31 26.89
CA THR A 326 -28.71 -5.27 25.89
C THR A 326 -27.22 -5.04 25.64
N ILE A 327 -26.39 -5.87 26.27
CA ILE A 327 -24.95 -5.81 26.11
C ILE A 327 -24.59 -6.23 24.68
N LYS A 328 -23.98 -5.32 23.93
CA LYS A 328 -23.54 -5.60 22.57
C LYS A 328 -22.05 -5.28 22.46
N PHE A 329 -21.21 -6.30 22.44
CA PHE A 329 -19.81 -6.06 22.14
C PHE A 329 -19.62 -5.82 20.65
N GLN A 330 -18.54 -5.12 20.31
CA GLN A 330 -18.27 -4.71 18.94
C GLN A 330 -16.76 -4.65 18.76
N PRO A 331 -16.27 -4.61 17.52
CA PRO A 331 -14.86 -4.30 17.31
C PRO A 331 -14.61 -2.81 17.51
N PRO A 332 -13.35 -2.38 17.64
CA PRO A 332 -13.10 -0.96 17.90
C PRO A 332 -13.38 -0.09 16.69
N SER A 333 -13.44 1.22 16.94
CA SER A 333 -13.90 2.20 15.97
C SER A 333 -12.77 2.78 15.12
N GLY A 334 -11.59 2.18 15.16
CA GLY A 334 -10.48 2.64 14.35
C GLY A 334 -9.48 3.47 15.15
N GLY A 335 -8.38 3.80 14.49
CA GLY A 335 -7.33 4.56 15.11
C GLY A 335 -5.95 4.01 14.80
N ASP A 336 -5.09 3.97 15.81
CA ASP A 336 -3.74 3.45 15.65
C ASP A 336 -3.77 1.92 15.61
N PRO A 337 -2.83 1.28 14.90
CA PRO A 337 -2.77 -0.19 14.88
C PRO A 337 -2.40 -0.82 16.22
N GLU A 338 -1.91 -0.05 17.18
CA GLU A 338 -1.70 -0.53 18.54
C GLU A 338 -2.97 -0.46 19.37
N ILE A 339 -4.04 0.12 18.83
CA ILE A 339 -5.32 0.25 19.51
C ILE A 339 -6.39 -0.60 18.85
N VAL A 340 -6.39 -0.64 17.51
CA VAL A 340 -7.36 -1.44 16.77
C VAL A 340 -7.13 -2.92 17.01
N PHE A 341 -5.87 -3.33 17.13
CA PHE A 341 -5.51 -4.72 17.33
C PHE A 341 -4.89 -4.93 18.70
N HIS A 342 -4.69 -6.20 19.04
CA HIS A 342 -3.96 -6.57 20.25
C HIS A 342 -2.48 -6.32 20.04
N SER A 343 -1.74 -6.12 21.13
CA SER A 343 -0.32 -5.83 21.00
C SER A 343 0.42 -6.35 22.22
N PHE A 344 1.25 -7.37 22.02
CA PHE A 344 2.11 -7.87 23.09
C PHE A 344 3.47 -8.21 22.50
N ASN A 345 4.43 -8.52 23.37
CA ASN A 345 5.81 -8.65 22.95
C ASN A 345 6.35 -9.99 23.41
N CYS A 346 7.18 -10.62 22.56
CA CYS A 346 7.83 -11.89 22.91
C CYS A 346 9.20 -11.93 22.21
N GLY A 347 10.24 -11.51 22.92
CA GLY A 347 11.58 -11.55 22.37
C GLY A 347 11.79 -10.64 21.18
N GLY A 348 11.25 -9.42 21.23
CA GLY A 348 11.32 -8.51 20.11
C GLY A 348 10.30 -8.77 19.02
N GLU A 349 9.52 -9.84 19.12
CA GLU A 349 8.45 -10.13 18.16
C GLU A 349 7.21 -9.39 18.66
N PHE A 350 6.79 -8.34 17.95
CA PHE A 350 5.67 -7.53 18.42
C PHE A 350 4.42 -8.01 17.69
N PHE A 351 3.75 -8.98 18.31
CA PHE A 351 2.53 -9.57 17.76
C PHE A 351 1.41 -8.55 17.72
N TYR A 352 0.86 -8.31 16.55
CA TYR A 352 -0.30 -7.44 16.38
C TYR A 352 -1.48 -8.31 15.96
N CYS A 353 -2.24 -8.78 16.95
CA CYS A 353 -3.23 -9.82 16.77
C CYS A 353 -4.60 -9.24 16.44
N ASN A 354 -5.16 -9.68 15.32
CA ASN A 354 -6.51 -9.30 14.91
C ASN A 354 -7.52 -9.97 15.83
N THR A 355 -8.27 -9.17 16.61
CA THR A 355 -9.25 -9.69 17.55
C THR A 355 -10.69 -9.44 17.13
N THR A 356 -10.94 -9.33 15.82
CA THR A 356 -12.32 -9.13 15.36
C THR A 356 -13.17 -10.37 15.59
N GLN A 357 -12.58 -11.57 15.49
CA GLN A 357 -13.29 -12.79 15.89
C GLN A 357 -13.14 -13.07 17.37
N LEU A 358 -13.29 -12.05 18.20
CA LEU A 358 -13.28 -12.19 19.66
C LEU A 358 -14.29 -11.27 20.34
N PHE A 359 -14.77 -10.22 19.67
CA PHE A 359 -15.65 -9.23 20.26
C PHE A 359 -16.87 -8.91 19.39
N ASN A 360 -17.13 -9.72 18.36
CA ASN A 360 -18.27 -9.46 17.48
C ASN A 360 -19.59 -9.73 18.19
N SER A 361 -19.63 -10.72 19.07
CA SER A 361 -20.89 -11.34 19.47
C SER A 361 -21.75 -10.42 20.33
N THR A 362 -23.03 -10.33 19.97
CA THR A 362 -24.04 -9.62 20.75
C THR A 362 -24.65 -10.56 21.76
N TRP A 363 -25.27 -9.99 22.80
CA TRP A 363 -25.72 -10.78 23.92
C TRP A 363 -27.19 -10.55 24.22
N THR A 364 -27.81 -11.58 24.79
CA THR A 364 -29.18 -11.62 25.28
C THR A 364 -29.16 -12.50 26.53
N ASN A 365 -30.30 -12.62 27.21
CA ASN A 365 -30.36 -13.45 28.40
C ASN A 365 -30.29 -14.94 28.04
N ASN A 366 -30.38 -15.78 29.08
CA ASN A 366 -30.30 -17.24 29.02
C ASN A 366 -28.99 -17.69 28.37
N THR A 367 -27.91 -17.37 29.07
CA THR A 367 -26.56 -17.69 28.62
C THR A 367 -26.04 -18.95 29.29
N GLU A 368 -25.10 -19.60 28.63
CA GLU A 368 -24.50 -20.83 29.15
C GLU A 368 -23.07 -21.00 28.64
N ASP A 377 -13.50 -24.17 19.74
CA ASP A 377 -12.47 -24.81 20.56
C ASP A 377 -11.11 -24.14 20.36
N THR A 378 -10.70 -24.00 19.10
CA THR A 378 -9.43 -23.37 18.74
C THR A 378 -9.76 -22.16 17.87
N ILE A 379 -10.02 -21.02 18.52
CA ILE A 379 -10.19 -19.76 17.81
C ILE A 379 -8.85 -19.35 17.21
N THR A 380 -8.76 -19.39 15.88
CA THR A 380 -7.55 -18.98 15.17
C THR A 380 -7.48 -17.47 15.19
N LEU A 381 -6.58 -16.92 16.01
CA LEU A 381 -6.36 -15.49 16.18
C LEU A 381 -5.22 -15.03 15.28
N PRO A 382 -5.50 -14.39 14.13
CA PRO A 382 -4.42 -14.04 13.18
C PRO A 382 -3.60 -12.85 13.65
N CYS A 383 -2.31 -13.07 13.85
CA CYS A 383 -1.39 -12.02 14.28
C CYS A 383 -0.41 -11.68 13.16
N ARG A 384 0.34 -10.60 13.35
CA ARG A 384 1.30 -10.15 12.34
C ARG A 384 2.40 -9.33 13.00
N ILE A 385 3.64 -9.70 12.77
CA ILE A 385 4.80 -8.99 13.31
C ILE A 385 5.08 -7.76 12.45
N LYS A 386 4.99 -6.58 13.06
CA LYS A 386 5.33 -5.33 12.39
C LYS A 386 6.63 -4.76 12.97
N GLN A 387 7.60 -4.48 12.10
CA GLN A 387 8.84 -3.85 12.52
C GLN A 387 8.62 -2.43 13.06
N ILE A 388 8.13 -1.53 12.21
CA ILE A 388 7.94 -0.13 12.56
C ILE A 388 6.75 0.00 13.50
N VAL A 389 7.03 0.21 14.78
CA VAL A 389 6.01 0.27 15.81
C VAL A 389 5.99 1.66 16.45
N ASN A 390 4.82 2.04 16.92
CA ASN A 390 4.70 3.25 17.72
C ASN A 390 5.24 3.00 19.12
N MET A 391 5.85 4.03 19.70
CA MET A 391 6.32 3.97 21.07
C MET A 391 5.22 4.51 21.98
N TRP A 392 4.78 3.68 22.93
CA TRP A 392 3.85 4.17 23.94
C TRP A 392 4.47 5.23 24.85
N GLN A 393 5.81 5.25 24.94
CA GLN A 393 6.48 6.29 25.76
C GLN A 393 6.90 7.43 24.84
N GLU A 394 6.11 8.51 24.82
CA GLU A 394 6.37 9.76 24.03
C GLU A 394 5.79 9.67 22.61
N VAL A 395 5.60 10.81 21.95
CA VAL A 395 5.14 10.83 20.53
C VAL A 395 6.28 10.36 19.63
N GLY A 396 5.97 9.69 18.51
CA GLY A 396 7.02 9.23 17.61
C GLY A 396 6.97 7.74 17.37
N LYS A 397 7.87 7.29 16.49
CA LYS A 397 7.93 5.88 16.08
C LYS A 397 9.33 5.34 16.30
N ALA A 398 9.48 4.02 16.12
CA ALA A 398 10.76 3.36 16.32
C ALA A 398 10.85 2.16 15.39
N MET A 399 11.66 2.26 14.34
CA MET A 399 11.90 1.15 13.44
C MET A 399 12.84 0.13 14.07
N TYR A 400 12.46 -1.14 14.04
CA TYR A 400 13.22 -2.23 14.63
C TYR A 400 13.92 -3.08 13.59
N ALA A 401 14.45 -4.21 14.03
CA ALA A 401 15.24 -5.16 13.27
C ALA A 401 14.37 -6.27 12.69
N PRO A 402 14.88 -7.02 11.71
CA PRO A 402 14.13 -8.17 11.21
C PRO A 402 14.03 -9.27 12.25
N PRO A 403 13.00 -10.13 12.17
CA PRO A 403 12.83 -11.20 13.16
C PRO A 403 13.94 -12.25 13.11
N ILE A 404 13.86 -13.17 14.06
CA ILE A 404 14.97 -14.06 14.40
C ILE A 404 14.68 -15.49 13.94
N LYS A 405 15.66 -16.38 14.10
CA LYS A 405 15.59 -17.74 13.58
C LYS A 405 15.13 -18.69 14.67
N GLY A 406 13.89 -19.16 14.57
CA GLY A 406 13.43 -20.23 15.43
C GLY A 406 11.98 -20.11 15.84
N LYS A 407 11.50 -21.09 16.59
CA LYS A 407 10.12 -21.07 17.07
C LYS A 407 10.02 -20.20 18.32
N ILE A 408 9.08 -19.26 18.31
CA ILE A 408 8.82 -18.39 19.44
C ILE A 408 7.44 -18.73 19.97
N LYS A 409 7.36 -19.11 21.25
CA LYS A 409 6.11 -19.52 21.86
C LYS A 409 5.79 -18.61 23.05
N CYS A 410 4.58 -18.07 23.06
CA CYS A 410 4.10 -17.20 24.13
C CYS A 410 2.99 -17.96 24.87
N SER A 411 3.39 -18.76 25.86
CA SER A 411 2.41 -19.50 26.67
C SER A 411 1.97 -18.59 27.81
N SER A 412 1.09 -17.66 27.48
CA SER A 412 0.73 -16.55 28.35
C SER A 412 -0.50 -16.88 29.19
N ASN A 413 -1.05 -15.84 29.82
CA ASN A 413 -2.22 -15.87 30.68
C ASN A 413 -3.10 -14.69 30.29
N ILE A 414 -4.33 -14.69 30.78
CA ILE A 414 -5.21 -13.53 30.65
C ILE A 414 -5.86 -13.31 32.00
N THR A 415 -5.48 -12.24 32.69
CA THR A 415 -5.99 -11.94 34.02
C THR A 415 -7.00 -10.80 34.03
N GLY A 416 -6.88 -9.86 33.10
CA GLY A 416 -7.79 -8.73 33.06
C GLY A 416 -8.38 -8.47 31.69
N LEU A 417 -9.09 -7.36 31.57
CA LEU A 417 -9.74 -6.98 30.31
C LEU A 417 -10.04 -5.50 30.36
N LEU A 418 -9.56 -4.76 29.36
CA LEU A 418 -9.80 -3.32 29.27
C LEU A 418 -10.92 -3.07 28.28
N LEU A 419 -11.97 -2.38 28.72
CA LEU A 419 -13.14 -2.11 27.91
C LEU A 419 -13.53 -0.64 28.01
N THR A 420 -13.92 -0.06 26.88
CA THR A 420 -14.47 1.28 26.85
C THR A 420 -15.99 1.19 26.81
N ARG A 421 -16.65 2.33 26.60
CA ARG A 421 -18.10 2.37 26.59
C ARG A 421 -18.54 3.42 25.58
N ASP A 422 -19.62 3.13 24.86
CA ASP A 422 -20.19 4.04 23.87
C ASP A 422 -21.60 4.36 24.32
N GLY A 423 -21.75 5.44 25.08
CA GLY A 423 -23.05 5.92 25.50
C GLY A 423 -23.39 7.20 24.75
N GLY A 424 -24.69 7.43 24.56
CA GLY A 424 -25.13 8.60 23.85
C GLY A 424 -26.60 8.87 24.09
N ASN A 425 -27.00 10.11 23.79
CA ASN A 425 -28.40 10.52 23.92
C ASN A 425 -29.08 10.64 22.57
N ASN A 426 -28.32 10.68 21.47
CA ASN A 426 -28.92 10.54 20.15
C ASN A 426 -29.50 9.14 19.96
N GLU A 427 -28.78 8.12 20.43
CA GLU A 427 -29.30 6.76 20.41
C GLU A 427 -30.39 6.60 21.46
N MET A 428 -31.41 5.82 21.11
CA MET A 428 -32.57 5.65 21.97
C MET A 428 -32.25 4.83 23.23
N ASN A 429 -33.26 4.77 24.10
CA ASN A 429 -33.15 4.53 25.54
C ASN A 429 -32.26 3.35 25.95
N THR A 430 -32.20 2.29 25.14
CA THR A 430 -31.44 1.10 25.52
C THR A 430 -30.53 0.63 24.39
N THR A 431 -29.23 0.52 24.72
CA THR A 431 -28.09 -0.06 24.02
C THR A 431 -26.91 -0.01 24.97
N GLU A 432 -25.94 -0.91 24.75
CA GLU A 432 -24.68 -0.94 25.49
C GLU A 432 -23.60 -1.46 24.55
N ILE A 433 -22.76 -0.56 24.06
CA ILE A 433 -21.62 -0.94 23.21
C ILE A 433 -20.36 -0.87 24.04
N PHE A 434 -19.62 -1.97 24.09
CA PHE A 434 -18.38 -2.08 24.86
C PHE A 434 -17.26 -2.45 23.89
N ARG A 435 -16.63 -1.45 23.30
CA ARG A 435 -15.52 -1.70 22.42
C ARG A 435 -14.24 -1.90 23.22
N PRO A 436 -13.28 -2.67 22.71
CA PRO A 436 -12.02 -2.84 23.44
C PRO A 436 -11.19 -1.57 23.38
N GLY A 437 -10.64 -1.20 24.53
CA GLY A 437 -9.81 -0.02 24.61
C GLY A 437 -8.41 -0.30 25.09
N GLY A 438 -7.92 0.52 26.01
CA GLY A 438 -6.56 0.38 26.49
C GLY A 438 -5.56 1.00 25.54
N GLY A 439 -4.34 1.14 26.04
CA GLY A 439 -3.29 1.79 25.28
C GLY A 439 -2.54 2.76 26.17
N ASP A 440 -3.26 3.36 27.10
CA ASP A 440 -2.67 4.20 28.13
C ASP A 440 -2.07 3.27 29.17
N MET A 441 -0.74 3.16 29.17
CA MET A 441 -0.05 2.21 30.04
C MET A 441 -0.14 2.56 31.51
N ARG A 442 -0.49 3.79 31.86
CA ARG A 442 -0.78 4.11 33.25
C ARG A 442 -2.00 3.34 33.73
N ASP A 443 -3.00 3.17 32.87
CA ASP A 443 -4.18 2.36 33.19
C ASP A 443 -3.85 0.88 33.27
N ASN A 444 -2.74 0.43 32.66
CA ASN A 444 -2.35 -0.96 32.73
C ASN A 444 -1.88 -1.34 34.14
N TRP A 445 -1.14 -0.45 34.80
CA TRP A 445 -0.67 -0.76 36.14
C TRP A 445 -1.55 -0.21 37.25
N ARG A 446 -2.54 0.62 36.93
CA ARG A 446 -3.57 0.93 37.92
C ARG A 446 -4.43 -0.28 38.25
N SER A 447 -4.51 -1.25 37.34
CA SER A 447 -5.17 -2.52 37.58
C SER A 447 -4.37 -3.45 38.47
N GLU A 448 -3.11 -3.11 38.76
CA GLU A 448 -2.25 -3.90 39.63
C GLU A 448 -1.96 -3.22 40.95
N LEU A 449 -1.83 -1.89 40.97
CA LEU A 449 -1.51 -1.14 42.17
C LEU A 449 -2.76 -0.57 42.83
N TYR A 450 -3.88 -1.28 42.75
CA TYR A 450 -5.11 -0.74 43.33
C TYR A 450 -5.22 -1.03 44.81
N LYS A 451 -4.59 -2.10 45.30
CA LYS A 451 -4.69 -2.45 46.71
C LYS A 451 -3.84 -1.57 47.61
N TYR A 452 -2.80 -0.93 47.07
CA TYR A 452 -1.79 -0.30 47.90
C TYR A 452 -1.95 1.22 47.90
N LYS A 453 -1.24 1.85 48.84
CA LYS A 453 -1.24 3.29 49.03
C LYS A 453 -0.07 3.67 49.93
N VAL A 454 0.69 4.69 49.56
CA VAL A 454 1.86 5.11 50.31
C VAL A 454 1.46 6.25 51.23
N VAL A 455 1.61 6.04 52.54
CA VAL A 455 1.24 7.01 53.56
C VAL A 455 2.41 7.17 54.52
N ARG A 456 2.67 8.41 54.92
CA ARG A 456 3.79 8.69 55.85
C ARG A 456 3.25 8.93 57.26
N ILE A 457 3.75 8.15 58.23
CA ILE A 457 3.31 8.28 59.65
C ILE A 457 4.46 8.90 60.45
N GLU A 458 4.23 10.10 61.01
CA GLU A 458 5.27 10.80 61.79
C GLU A 458 5.56 10.04 63.09
N PRO A 459 6.81 9.96 63.56
CA PRO A 459 7.15 9.27 64.80
C PRO A 459 7.43 10.33 65.88
N LEU A 460 6.82 10.18 67.06
CA LEU A 460 7.01 11.16 68.16
C LEU A 460 8.49 11.16 68.57
N GLY A 461 9.10 9.97 68.65
CA GLY A 461 10.53 9.86 69.02
C GLY A 461 11.40 10.81 68.23
N LYS B 1 -17.95 30.97 23.96
CA LYS B 1 -17.50 30.13 22.87
C LYS B 1 -17.33 30.95 21.58
N LYS B 2 -16.43 30.51 20.71
CA LYS B 2 -16.22 31.17 19.43
C LYS B 2 -16.90 30.37 18.33
N VAL B 3 -16.92 30.96 17.13
CA VAL B 3 -17.53 30.33 15.96
C VAL B 3 -16.60 30.50 14.77
N VAL B 4 -16.51 29.46 13.94
CA VAL B 4 -15.72 29.50 12.72
C VAL B 4 -16.63 29.14 11.56
N LEU B 5 -16.09 29.17 10.34
CA LEU B 5 -16.87 28.90 9.13
C LEU B 5 -16.15 27.89 8.26
N GLY B 6 -16.95 27.11 7.51
CA GLY B 6 -16.41 26.16 6.57
C GLY B 6 -16.64 26.57 5.13
N LYS B 7 -15.90 25.98 4.19
CA LYS B 7 -16.00 26.35 2.79
C LYS B 7 -16.34 25.16 1.90
N LYS B 8 -17.05 24.18 2.46
CA LYS B 8 -17.62 23.02 1.76
C LYS B 8 -16.52 22.19 1.07
N GLY B 9 -15.69 21.57 1.90
CA GLY B 9 -14.72 20.64 1.38
C GLY B 9 -13.33 20.75 1.96
N ASP B 10 -12.96 21.94 2.42
CA ASP B 10 -11.61 22.17 2.90
C ASP B 10 -11.47 21.64 4.33
N THR B 11 -10.35 21.96 4.97
CA THR B 11 -10.11 21.56 6.35
C THR B 11 -10.39 22.70 7.30
N VAL B 12 -10.67 22.34 8.55
CA VAL B 12 -10.95 23.32 9.59
C VAL B 12 -10.11 22.95 10.81
N GLU B 13 -9.73 23.96 11.58
CA GLU B 13 -8.89 23.77 12.76
C GLU B 13 -9.68 24.20 13.98
N LEU B 14 -9.86 23.27 14.92
CA LEU B 14 -10.57 23.53 16.16
C LEU B 14 -9.65 23.13 17.30
N THR B 15 -9.12 24.13 18.01
CA THR B 15 -8.10 23.90 19.02
C THR B 15 -8.70 24.01 20.42
N CYS B 16 -8.04 23.33 21.36
CA CYS B 16 -8.36 23.42 22.77
C CYS B 16 -7.20 24.07 23.51
N THR B 17 -7.40 24.33 24.80
CA THR B 17 -6.41 25.00 25.61
C THR B 17 -6.01 24.12 26.79
N ALA B 18 -4.71 24.06 27.06
CA ALA B 18 -4.19 23.27 28.17
C ALA B 18 -2.89 23.91 28.64
N SER B 19 -2.84 24.27 29.92
CA SER B 19 -1.67 24.92 30.50
C SER B 19 -0.89 24.00 31.42
N GLN B 20 -1.26 22.73 31.51
CA GLN B 20 -0.56 21.79 32.37
C GLN B 20 0.78 21.37 31.79
N LYS B 21 0.82 21.12 30.49
CA LYS B 21 2.00 20.66 29.73
C LYS B 21 2.54 19.36 30.33
N LYS B 22 1.71 18.32 30.23
CA LYS B 22 2.03 17.01 30.74
C LYS B 22 1.56 15.90 29.80
N SER B 23 0.99 16.25 28.65
CA SER B 23 0.30 15.35 27.72
C SER B 23 -0.77 14.53 28.45
N ILE B 24 -1.74 15.25 29.00
CA ILE B 24 -2.85 14.65 29.74
C ILE B 24 -3.95 14.25 28.75
N GLN B 25 -4.91 13.46 29.24
CA GLN B 25 -5.91 12.86 28.36
C GLN B 25 -6.92 13.92 27.90
N PHE B 26 -7.19 13.94 26.60
CA PHE B 26 -8.22 14.80 26.03
C PHE B 26 -9.31 13.95 25.40
N HIS B 27 -10.42 14.61 25.06
CA HIS B 27 -11.54 13.98 24.38
C HIS B 27 -12.17 14.98 23.42
N TRP B 28 -13.07 14.48 22.59
CA TRP B 28 -13.78 15.29 21.60
C TRP B 28 -15.19 14.76 21.46
N LYS B 29 -16.16 15.51 21.97
CA LYS B 29 -17.55 15.09 21.94
C LYS B 29 -18.41 16.23 21.39
N ASN B 30 -19.48 15.85 20.71
CA ASN B 30 -20.41 16.80 20.13
C ASN B 30 -21.50 17.15 21.15
N SER B 31 -22.56 17.81 20.69
CA SER B 31 -23.69 18.10 21.56
C SER B 31 -24.51 16.84 21.86
N ASN B 32 -24.42 15.82 21.00
CA ASN B 32 -25.11 14.55 21.22
C ASN B 32 -24.25 13.55 21.99
N GLN B 33 -23.10 13.98 22.52
CA GLN B 33 -22.19 13.18 23.35
C GLN B 33 -21.69 11.94 22.60
N ILE B 34 -21.13 12.16 21.42
CA ILE B 34 -20.60 11.09 20.57
C ILE B 34 -19.10 11.30 20.44
N LYS B 35 -18.32 10.25 20.72
CA LYS B 35 -16.88 10.34 20.66
C LYS B 35 -16.38 10.38 19.23
N ILE B 36 -15.39 11.25 18.97
CA ILE B 36 -14.75 11.36 17.67
C ILE B 36 -13.25 11.11 17.77
N LEU B 37 -12.56 11.84 18.64
CA LEU B 37 -11.15 11.59 18.91
C LEU B 37 -10.94 11.59 20.42
N GLY B 38 -9.80 11.05 20.83
CA GLY B 38 -9.47 10.96 22.24
C GLY B 38 -8.08 10.46 22.50
N ASN B 39 -7.49 10.89 23.61
CA ASN B 39 -6.14 10.48 23.97
C ASN B 39 -6.17 9.11 24.61
N GLN B 40 -5.18 8.29 24.28
CA GLN B 40 -4.99 6.99 24.94
C GLN B 40 -3.49 6.84 25.15
N GLY B 41 -3.00 7.32 26.29
CA GLY B 41 -1.56 7.37 26.50
C GLY B 41 -0.91 8.38 25.59
N SER B 42 -0.20 7.91 24.57
CA SER B 42 0.30 8.77 23.50
C SER B 42 -0.34 8.42 22.16
N PHE B 43 -1.43 7.67 22.17
CA PHE B 43 -2.03 7.12 20.97
C PHE B 43 -3.33 7.84 20.64
N LEU B 44 -3.77 7.70 19.40
CA LEU B 44 -4.95 8.37 18.88
C LEU B 44 -6.04 7.34 18.62
N THR B 45 -7.23 7.58 19.18
CA THR B 45 -8.38 6.70 19.03
C THR B 45 -9.48 7.44 18.28
N LYS B 46 -9.72 7.04 17.03
CA LYS B 46 -10.83 7.59 16.26
C LYS B 46 -12.14 7.03 16.79
N GLY B 47 -12.93 7.88 17.44
CA GLY B 47 -14.15 7.45 18.09
C GLY B 47 -15.26 7.09 17.13
N PRO B 48 -16.29 6.39 17.63
CA PRO B 48 -17.40 5.91 16.79
C PRO B 48 -18.40 7.00 16.37
N SER B 49 -18.07 7.71 15.31
CA SER B 49 -19.00 8.69 14.76
C SER B 49 -19.10 8.53 13.24
N LYS B 50 -19.75 9.49 12.58
CA LYS B 50 -19.80 9.54 11.14
C LYS B 50 -18.63 10.31 10.52
N LEU B 51 -17.58 10.56 11.31
CA LEU B 51 -16.38 11.26 10.86
C LEU B 51 -15.15 10.41 11.12
N ASN B 52 -15.22 9.13 10.75
CA ASN B 52 -14.14 8.20 11.04
C ASN B 52 -12.92 8.47 10.16
N ASP B 53 -13.10 8.45 8.84
CA ASP B 53 -12.02 8.67 7.89
C ASP B 53 -11.83 10.15 7.56
N ARG B 54 -12.29 11.05 8.42
CA ARG B 54 -12.18 12.48 8.18
C ARG B 54 -11.46 13.23 9.29
N ALA B 55 -11.59 12.81 10.55
CA ALA B 55 -11.02 13.55 11.66
C ALA B 55 -9.54 13.23 11.81
N ASP B 56 -8.76 14.26 12.11
CA ASP B 56 -7.31 14.17 12.22
C ASP B 56 -6.83 15.06 13.37
N SER B 57 -5.63 14.77 13.85
CA SER B 57 -5.04 15.57 14.92
C SER B 57 -3.53 15.57 14.77
N ARG B 58 -2.90 16.68 15.13
CA ARG B 58 -1.46 16.87 15.01
C ARG B 58 -0.80 16.36 16.29
N ARG B 59 -0.14 15.21 16.20
CA ARG B 59 0.43 14.58 17.38
C ARG B 59 1.65 15.32 17.91
N SER B 60 2.35 16.07 17.05
CA SER B 60 3.55 16.77 17.47
C SER B 60 3.24 17.91 18.44
N LEU B 61 2.03 18.46 18.37
CA LEU B 61 1.60 19.53 19.25
C LEU B 61 1.04 19.04 20.58
N TRP B 62 1.06 17.72 20.83
CA TRP B 62 0.45 17.20 22.05
C TRP B 62 1.30 17.46 23.29
N ASP B 63 2.61 17.63 23.13
CA ASP B 63 3.49 17.94 24.25
C ASP B 63 3.67 19.44 24.45
N GLN B 64 2.78 20.25 23.87
CA GLN B 64 2.79 21.69 23.99
C GLN B 64 1.63 22.20 24.85
N GLY B 65 0.42 21.78 24.54
CA GLY B 65 -0.76 22.20 25.27
C GLY B 65 -1.88 22.61 24.35
N ASN B 66 -1.68 22.38 23.05
CA ASN B 66 -2.67 22.68 22.02
C ASN B 66 -3.07 21.39 21.33
N PHE B 67 -4.38 21.12 21.30
CA PHE B 67 -4.92 19.91 20.70
C PHE B 67 -5.89 20.29 19.60
N PRO B 68 -5.49 20.19 18.33
CA PRO B 68 -6.38 20.61 17.24
C PRO B 68 -7.39 19.52 16.89
N LEU B 69 -8.25 19.85 15.93
CA LEU B 69 -9.25 18.93 15.40
C LEU B 69 -9.37 19.23 13.91
N ILE B 70 -8.69 18.43 13.09
CA ILE B 70 -8.63 18.64 11.64
C ILE B 70 -9.65 17.71 11.00
N ILE B 71 -10.68 18.29 10.40
CA ILE B 71 -11.72 17.54 9.72
C ILE B 71 -11.70 17.94 8.25
N LYS B 72 -11.45 16.96 7.38
CA LYS B 72 -11.43 17.18 5.94
C LYS B 72 -12.77 16.77 5.34
N ASN B 73 -13.03 17.28 4.12
CA ASN B 73 -14.27 17.06 3.37
C ASN B 73 -15.50 17.49 4.17
N LEU B 74 -15.56 18.79 4.45
CA LEU B 74 -16.64 19.34 5.26
C LEU B 74 -17.95 19.33 4.50
N LYS B 75 -18.96 18.68 5.08
CA LYS B 75 -20.29 18.63 4.52
C LYS B 75 -21.21 19.59 5.26
N ILE B 76 -22.44 19.72 4.77
CA ILE B 76 -23.41 20.63 5.38
C ILE B 76 -23.94 20.04 6.68
N GLU B 77 -24.14 18.72 6.71
CA GLU B 77 -24.71 18.06 7.88
C GLU B 77 -23.74 17.95 9.05
N ASP B 78 -22.46 18.30 8.87
CA ASP B 78 -21.48 18.22 9.94
C ASP B 78 -21.48 19.46 10.84
N SER B 79 -22.42 20.38 10.66
CA SER B 79 -22.49 21.60 11.46
C SER B 79 -23.02 21.26 12.85
N ASP B 80 -22.14 21.30 13.85
CA ASP B 80 -22.52 20.99 15.22
C ASP B 80 -21.48 21.60 16.15
N THR B 81 -21.83 21.71 17.43
CA THR B 81 -20.95 22.26 18.44
C THR B 81 -20.20 21.13 19.14
N TYR B 82 -18.92 21.37 19.43
CA TYR B 82 -18.04 20.39 20.02
C TYR B 82 -17.43 20.93 21.31
N ILE B 83 -17.40 20.11 22.35
CA ILE B 83 -16.81 20.48 23.64
C ILE B 83 -15.50 19.71 23.83
N CYS B 84 -14.54 20.39 24.44
CA CYS B 84 -13.25 19.79 24.78
C CYS B 84 -13.30 19.18 26.18
N GLU B 85 -12.27 18.42 26.53
CA GLU B 85 -12.22 17.80 27.86
C GLU B 85 -10.77 17.63 28.30
N VAL B 86 -10.25 18.64 29.00
CA VAL B 86 -8.91 18.60 29.57
C VAL B 86 -8.98 19.17 30.98
N GLU B 87 -8.31 18.49 31.93
CA GLU B 87 -8.20 18.89 33.34
C GLU B 87 -9.58 19.15 33.96
N ASP B 88 -10.51 18.24 33.66
CA ASP B 88 -11.91 18.27 34.10
C ASP B 88 -12.59 19.60 33.75
N GLN B 89 -12.54 19.97 32.47
CA GLN B 89 -13.12 21.21 32.00
C GLN B 89 -13.84 20.95 30.68
N LYS B 90 -14.72 21.89 30.31
CA LYS B 90 -15.53 21.76 29.10
C LYS B 90 -15.40 23.03 28.26
N GLU B 91 -14.40 23.05 27.39
CA GLU B 91 -14.19 24.17 26.47
C GLU B 91 -15.12 24.00 25.28
N GLU B 92 -16.25 24.69 25.31
CA GLU B 92 -17.25 24.59 24.25
C GLU B 92 -16.82 25.40 23.04
N VAL B 93 -16.98 24.81 21.85
CA VAL B 93 -16.67 25.45 20.58
C VAL B 93 -17.94 25.38 19.73
N GLN B 94 -17.89 25.92 18.51
CA GLN B 94 -19.01 25.93 17.58
C GLN B 94 -18.47 25.78 16.17
N LEU B 95 -19.29 25.23 15.27
CA LEU B 95 -18.84 24.99 13.90
C LEU B 95 -20.03 25.11 12.95
N LEU B 96 -19.82 25.83 11.85
CA LEU B 96 -20.85 26.07 10.84
C LEU B 96 -20.23 25.90 9.47
N VAL B 97 -20.88 25.11 8.61
CA VAL B 97 -20.44 24.89 7.24
C VAL B 97 -21.59 25.28 6.30
N PHE B 98 -21.25 25.87 5.15
CA PHE B 98 -22.25 26.22 4.15
C PHE B 98 -21.58 26.25 2.78
N GLY B 99 -22.39 26.47 1.74
CA GLY B 99 -21.89 26.46 0.38
C GLY B 99 -22.77 27.28 -0.54
N LEU B 100 -22.24 27.56 -1.72
CA LEU B 100 -22.93 28.40 -2.70
C LEU B 100 -22.43 28.04 -4.09
N THR B 101 -23.36 27.79 -5.02
CA THR B 101 -22.99 27.46 -6.39
C THR B 101 -24.08 27.94 -7.34
N ALA B 102 -23.83 27.77 -8.63
CA ALA B 102 -24.75 28.07 -9.72
C ALA B 102 -25.32 26.77 -10.28
N ASN B 103 -26.05 26.90 -11.39
CA ASN B 103 -26.61 25.72 -12.05
C ASN B 103 -26.20 25.67 -13.52
N SER B 104 -25.98 26.83 -14.12
CA SER B 104 -25.55 26.93 -15.51
C SER B 104 -24.04 27.01 -15.56
N ASP B 105 -23.41 25.99 -16.14
CA ASP B 105 -21.96 25.86 -16.06
C ASP B 105 -21.25 26.81 -17.02
N THR B 106 -21.47 26.64 -18.32
CA THR B 106 -20.77 27.42 -19.34
C THR B 106 -21.69 28.22 -20.25
N HIS B 107 -22.98 27.90 -20.31
CA HIS B 107 -23.88 28.58 -21.24
C HIS B 107 -24.50 29.78 -20.51
N LEU B 108 -23.69 30.83 -20.38
CA LEU B 108 -24.11 32.11 -19.81
C LEU B 108 -23.91 33.17 -20.89
N LEU B 109 -24.89 33.34 -21.76
CA LEU B 109 -24.77 34.23 -22.90
C LEU B 109 -24.92 35.69 -22.44
N GLN B 110 -24.60 36.60 -23.36
CA GLN B 110 -24.71 38.03 -23.09
C GLN B 110 -26.18 38.43 -23.07
N GLY B 111 -26.67 38.86 -21.91
CA GLY B 111 -28.08 39.15 -21.74
C GLY B 111 -28.92 38.00 -21.27
N GLN B 112 -28.34 37.01 -20.62
CA GLN B 112 -29.06 35.85 -20.10
C GLN B 112 -29.20 36.01 -18.60
N SER B 113 -30.35 35.58 -18.06
CA SER B 113 -30.64 35.79 -16.65
C SER B 113 -29.77 34.90 -15.78
N LEU B 114 -29.39 35.42 -14.62
CA LEU B 114 -28.50 34.75 -13.68
C LEU B 114 -29.31 34.10 -12.56
N THR B 115 -28.90 32.90 -12.16
CA THR B 115 -29.52 32.17 -11.07
C THR B 115 -28.42 31.69 -10.11
N LEU B 116 -28.69 31.80 -8.82
CA LEU B 116 -27.80 31.30 -7.78
C LEU B 116 -28.48 30.18 -7.01
N THR B 117 -27.68 29.46 -6.23
CA THR B 117 -28.18 28.35 -5.40
C THR B 117 -27.37 28.34 -4.11
N LEU B 118 -27.97 28.85 -3.03
CA LEU B 118 -27.31 28.89 -1.74
C LEU B 118 -27.64 27.64 -0.93
N GLU B 119 -26.59 27.02 -0.38
CA GLU B 119 -26.74 25.82 0.44
C GLU B 119 -26.31 26.18 1.86
N SER B 120 -27.24 26.71 2.64
CA SER B 120 -27.11 27.15 4.02
C SER B 120 -27.62 26.05 4.97
N PRO B 121 -27.01 25.89 6.14
CA PRO B 121 -27.46 24.84 7.07
C PRO B 121 -28.72 25.26 7.78
N PRO B 122 -29.57 24.30 8.18
CA PRO B 122 -30.75 24.64 8.96
C PRO B 122 -30.37 25.10 10.37
N GLY B 123 -31.21 25.98 10.90
CA GLY B 123 -30.92 26.55 12.21
C GLY B 123 -29.95 27.71 12.18
N SER B 124 -29.85 28.42 11.06
CA SER B 124 -28.93 29.55 10.94
C SER B 124 -29.56 30.59 10.02
N SER B 125 -29.13 31.83 10.20
CA SER B 125 -29.63 32.98 9.44
C SER B 125 -28.48 33.64 8.70
N PRO B 126 -28.18 33.21 7.48
CA PRO B 126 -27.11 33.83 6.70
C PRO B 126 -27.57 35.14 6.08
N SER B 127 -26.63 35.83 5.43
CA SER B 127 -26.92 37.10 4.78
C SER B 127 -25.97 37.25 3.59
N VAL B 128 -26.53 37.26 2.38
CA VAL B 128 -25.72 37.33 1.17
C VAL B 128 -25.23 38.76 0.98
N GLN B 129 -23.91 38.94 0.95
CA GLN B 129 -23.28 40.24 0.71
C GLN B 129 -22.19 40.03 -0.34
N CYS B 130 -22.56 40.14 -1.61
CA CYS B 130 -21.62 39.91 -2.70
C CYS B 130 -20.80 41.16 -3.01
N ARG B 131 -19.82 40.98 -3.88
CA ARG B 131 -18.99 42.07 -4.38
C ARG B 131 -18.65 41.81 -5.82
N SER B 132 -18.92 42.79 -6.68
CA SER B 132 -18.67 42.71 -8.11
C SER B 132 -17.57 43.67 -8.52
N PRO B 133 -16.81 43.35 -9.57
CA PRO B 133 -15.81 44.32 -10.08
C PRO B 133 -16.40 45.58 -10.68
N ARG B 134 -17.68 45.56 -11.05
CA ARG B 134 -18.38 46.75 -11.52
C ARG B 134 -18.97 47.58 -10.38
N GLY B 135 -18.66 47.24 -9.13
CA GLY B 135 -19.15 48.01 -8.00
C GLY B 135 -20.55 47.66 -7.55
N LYS B 136 -20.98 46.42 -7.78
CA LYS B 136 -22.33 45.97 -7.42
C LYS B 136 -22.24 45.15 -6.14
N ASN B 137 -22.39 45.82 -5.00
CA ASN B 137 -22.42 45.15 -3.70
C ASN B 137 -23.88 44.81 -3.36
N ILE B 138 -24.40 43.83 -4.10
CA ILE B 138 -25.81 43.47 -4.03
C ILE B 138 -26.06 42.66 -2.76
N GLN B 139 -26.92 43.18 -1.89
CA GLN B 139 -27.30 42.52 -0.65
C GLN B 139 -28.78 42.17 -0.69
N GLY B 140 -29.12 41.04 -0.06
CA GLY B 140 -30.51 40.61 -0.01
C GLY B 140 -30.76 39.51 1.00
N GLY B 141 -31.63 38.57 0.66
CA GLY B 141 -31.91 37.45 1.53
C GLY B 141 -30.92 36.31 1.36
N LYS B 142 -31.43 35.10 1.17
CA LYS B 142 -30.58 33.93 0.94
C LYS B 142 -30.44 33.60 -0.54
N THR B 143 -31.53 33.57 -1.28
CA THR B 143 -31.51 33.31 -2.70
C THR B 143 -31.46 34.63 -3.46
N LEU B 144 -30.48 34.77 -4.34
CA LEU B 144 -30.30 35.99 -5.12
C LEU B 144 -30.35 35.67 -6.61
N SER B 145 -31.05 36.51 -7.36
CA SER B 145 -31.20 36.33 -8.80
C SER B 145 -31.06 37.69 -9.48
N VAL B 146 -30.25 37.74 -10.53
CA VAL B 146 -30.00 38.97 -11.28
C VAL B 146 -30.42 38.72 -12.73
N SER B 147 -31.17 39.66 -13.31
CA SER B 147 -31.56 39.52 -14.71
C SER B 147 -30.41 39.76 -15.67
N GLN B 148 -29.44 40.58 -15.27
CA GLN B 148 -28.35 40.99 -16.15
C GLN B 148 -27.13 40.11 -15.95
N LEU B 149 -26.62 39.57 -17.06
CA LEU B 149 -25.34 38.86 -17.07
C LEU B 149 -24.79 38.91 -18.49
N GLU B 150 -23.72 39.68 -18.68
CA GLU B 150 -23.14 39.91 -19.99
C GLU B 150 -21.66 39.54 -19.97
N LEU B 151 -20.94 39.89 -21.04
CA LEU B 151 -19.52 39.63 -21.13
C LEU B 151 -18.73 40.51 -20.15
N GLN B 152 -19.23 41.70 -19.84
CA GLN B 152 -18.57 42.61 -18.92
C GLN B 152 -18.91 42.34 -17.46
N ASP B 153 -19.66 41.28 -17.17
CA ASP B 153 -19.98 40.87 -15.81
C ASP B 153 -19.57 39.43 -15.55
N SER B 154 -18.43 39.03 -16.11
CA SER B 154 -17.88 37.71 -15.85
C SER B 154 -16.90 37.80 -14.67
N GLY B 155 -16.16 36.73 -14.43
CA GLY B 155 -15.12 36.74 -13.42
C GLY B 155 -15.60 36.13 -12.11
N THR B 156 -14.62 35.83 -11.26
CA THR B 156 -14.88 35.23 -9.95
C THR B 156 -15.38 36.31 -9.00
N TRP B 157 -16.69 36.39 -8.81
CA TRP B 157 -17.27 37.36 -7.90
C TRP B 157 -17.05 36.93 -6.46
N THR B 158 -16.70 37.91 -5.61
CA THR B 158 -16.43 37.65 -4.20
C THR B 158 -17.74 37.83 -3.43
N CYS B 159 -18.45 36.73 -3.22
CA CYS B 159 -19.66 36.71 -2.41
C CYS B 159 -19.33 36.18 -1.01
N THR B 160 -19.47 37.04 -0.01
CA THR B 160 -19.24 36.67 1.37
C THR B 160 -20.54 36.73 2.16
N VAL B 161 -20.56 36.02 3.28
CA VAL B 161 -21.75 35.89 4.12
C VAL B 161 -21.40 36.36 5.52
N LEU B 162 -22.08 37.42 5.97
CA LEU B 162 -21.87 37.95 7.30
C LEU B 162 -22.89 37.33 8.26
N GLN B 163 -22.39 36.65 9.29
CA GLN B 163 -23.25 36.08 10.32
C GLN B 163 -22.45 35.98 11.60
N ASN B 164 -22.96 36.62 12.66
CA ASN B 164 -22.30 36.71 13.98
C ASN B 164 -20.89 37.28 13.88
N GLN B 165 -20.75 38.35 13.09
CA GLN B 165 -19.50 39.09 12.87
C GLN B 165 -18.39 38.21 12.30
N LYS B 166 -18.76 37.22 11.49
CA LYS B 166 -17.83 36.33 10.83
C LYS B 166 -18.17 36.24 9.35
N LYS B 167 -17.14 36.16 8.51
CA LYS B 167 -17.36 36.12 7.07
C LYS B 167 -16.19 35.42 6.39
N VAL B 168 -16.51 34.68 5.33
CA VAL B 168 -15.52 34.02 4.48
C VAL B 168 -15.86 34.30 3.03
N GLU B 169 -14.85 34.28 2.17
CA GLU B 169 -14.99 34.67 0.78
C GLU B 169 -15.11 33.44 -0.12
N PHE B 170 -15.70 33.64 -1.30
CA PHE B 170 -15.90 32.58 -2.28
C PHE B 170 -15.74 33.15 -3.68
N LYS B 171 -15.84 32.27 -4.67
CA LYS B 171 -15.68 32.63 -6.07
C LYS B 171 -16.83 32.04 -6.88
N ILE B 172 -17.07 32.61 -8.05
CA ILE B 172 -18.15 32.21 -8.93
C ILE B 172 -17.59 31.98 -10.32
N ASP B 173 -17.77 30.77 -10.85
CA ASP B 173 -17.31 30.46 -12.20
C ASP B 173 -18.33 30.95 -13.21
N ILE B 174 -17.92 31.92 -14.04
CA ILE B 174 -18.78 32.48 -15.07
C ILE B 174 -18.06 32.30 -16.41
N VAL B 175 -18.72 31.59 -17.31
CA VAL B 175 -18.24 31.41 -18.71
C VAL B 175 -19.24 32.24 -19.52
N VAL B 176 -18.79 33.31 -20.17
CA VAL B 176 -19.77 34.16 -20.89
C VAL B 176 -19.68 33.93 -22.40
N LEU B 177 -20.78 33.49 -23.01
CA LEU B 177 -20.86 33.33 -24.48
C LEU B 177 -21.66 34.53 -24.97
N ALA B 178 -20.96 35.53 -25.52
CA ALA B 178 -21.63 36.74 -26.00
C ALA B 178 -21.18 37.07 -27.41
N PHE B 179 -21.93 37.98 -28.04
CA PHE B 179 -21.48 38.67 -29.25
C PHE B 179 -20.68 39.91 -28.85
N GLN B 180 -20.20 40.65 -29.86
CA GLN B 180 -19.45 41.88 -29.64
C GLN B 180 -20.16 43.06 -30.31
N LYS B 181 -21.48 42.95 -30.48
CA LYS B 181 -22.26 44.00 -31.12
C LYS B 181 -23.73 43.83 -30.74
N ALA B 182 -24.42 44.95 -30.54
CA ALA B 182 -25.87 44.95 -30.38
C ALA B 182 -26.58 45.17 -31.72
N SER B 183 -26.17 46.19 -32.48
CA SER B 183 -26.77 46.48 -33.77
C SER B 183 -25.70 47.01 -34.71
N SER B 184 -25.44 46.29 -35.80
CA SER B 184 -24.63 46.80 -36.89
C SER B 184 -25.51 47.44 -37.96
N ILE B 185 -25.04 48.55 -38.52
CA ILE B 185 -25.68 49.19 -39.65
C ILE B 185 -24.63 49.34 -40.76
N VAL B 186 -24.92 48.78 -41.92
CA VAL B 186 -23.99 48.78 -43.05
C VAL B 186 -24.55 49.71 -44.12
N TYR B 187 -23.75 50.71 -44.51
CA TYR B 187 -24.16 51.70 -45.50
C TYR B 187 -23.47 51.37 -46.82
N LYS B 188 -24.26 50.99 -47.83
CA LYS B 188 -23.76 50.68 -49.16
C LYS B 188 -24.60 51.37 -50.21
N LYS B 189 -24.15 51.29 -51.45
CA LYS B 189 -24.85 51.82 -52.62
C LYS B 189 -25.11 50.70 -53.60
N GLU B 190 -25.96 50.99 -54.59
CA GLU B 190 -26.38 50.02 -55.59
C GLU B 190 -25.21 49.53 -56.44
N GLY B 191 -24.88 48.25 -56.33
CA GLY B 191 -23.76 47.67 -57.05
C GLY B 191 -22.66 47.20 -56.13
N GLU B 192 -22.50 47.89 -55.01
CA GLU B 192 -21.45 47.56 -54.05
C GLU B 192 -21.76 46.25 -53.34
N GLN B 193 -20.72 45.46 -53.09
CA GLN B 193 -20.89 44.18 -52.39
C GLN B 193 -21.03 44.43 -50.89
N VAL B 194 -21.98 43.73 -50.28
CA VAL B 194 -22.32 43.90 -48.87
C VAL B 194 -21.70 42.78 -48.07
N GLU B 195 -21.07 43.14 -46.94
CA GLU B 195 -20.44 42.17 -46.06
C GLU B 195 -20.92 42.39 -44.63
N PHE B 196 -21.26 41.30 -43.95
CA PHE B 196 -21.63 41.32 -42.54
C PHE B 196 -20.67 40.44 -41.75
N SER B 197 -20.36 40.87 -40.53
CA SER B 197 -19.42 40.14 -39.67
C SER B 197 -19.85 40.31 -38.22
N PHE B 198 -20.10 39.20 -37.54
CA PHE B 198 -20.52 39.20 -36.15
C PHE B 198 -19.72 38.14 -35.41
N PRO B 199 -18.77 38.51 -34.56
CA PRO B 199 -17.82 37.54 -33.99
C PRO B 199 -18.34 36.85 -32.73
N LEU B 200 -17.57 35.86 -32.30
CA LEU B 200 -17.77 35.16 -31.03
C LEU B 200 -16.38 35.00 -30.40
N ALA B 201 -16.29 34.19 -29.32
CA ALA B 201 -14.99 34.13 -28.61
C ALA B 201 -14.46 32.72 -28.23
N PHE B 202 -14.12 31.90 -29.23
CA PHE B 202 -13.38 30.61 -29.06
C PHE B 202 -13.90 29.61 -28.00
N THR B 203 -15.20 29.32 -27.92
CA THR B 203 -15.66 28.28 -27.02
C THR B 203 -15.71 26.92 -27.71
N VAL B 204 -15.19 25.90 -27.03
CA VAL B 204 -15.12 24.54 -27.56
C VAL B 204 -15.99 23.63 -26.69
N GLU B 205 -16.83 22.82 -27.34
CA GLU B 205 -17.82 21.99 -26.68
C GLU B 205 -18.28 20.97 -27.72
N LYS B 206 -19.20 20.09 -27.32
CA LYS B 206 -19.79 19.05 -28.17
C LYS B 206 -20.86 19.63 -29.09
N LEU B 207 -21.76 18.77 -29.60
CA LEU B 207 -22.87 19.17 -30.46
C LEU B 207 -23.72 20.25 -29.80
N THR B 208 -23.67 21.49 -30.30
CA THR B 208 -24.32 22.58 -29.59
C THR B 208 -25.17 23.53 -30.43
N GLY B 209 -24.79 23.79 -31.67
CA GLY B 209 -25.19 25.02 -32.33
C GLY B 209 -26.05 24.84 -33.57
N SER B 210 -27.05 25.72 -33.69
CA SER B 210 -27.93 25.88 -34.85
C SER B 210 -28.68 27.19 -34.67
N GLY B 211 -28.79 27.95 -35.75
CA GLY B 211 -29.47 29.24 -35.66
C GLY B 211 -29.82 29.77 -37.02
N GLU B 212 -30.41 30.97 -37.03
CA GLU B 212 -30.88 31.55 -38.29
C GLU B 212 -31.00 33.08 -38.16
N LEU B 213 -30.95 33.73 -39.33
CA LEU B 213 -31.00 35.18 -39.45
C LEU B 213 -32.32 35.60 -40.08
N TRP B 214 -33.19 36.22 -39.31
CA TRP B 214 -34.46 36.73 -39.80
C TRP B 214 -34.27 38.11 -40.42
N TRP B 215 -35.14 38.43 -41.38
CA TRP B 215 -35.00 39.67 -42.14
C TRP B 215 -36.37 40.30 -42.36
N GLN B 216 -36.41 41.63 -42.33
CA GLN B 216 -37.62 42.40 -42.62
C GLN B 216 -37.29 43.41 -43.71
N ALA B 217 -37.69 43.11 -44.94
CA ALA B 217 -37.40 43.99 -46.07
C ALA B 217 -38.28 45.24 -46.01
N GLU B 218 -37.74 46.34 -46.55
CA GLU B 218 -38.44 47.62 -46.56
C GLU B 218 -39.56 47.59 -47.59
N ARG B 219 -40.80 47.80 -47.13
CA ARG B 219 -42.05 47.84 -47.89
C ARG B 219 -42.45 46.50 -48.52
N ALA B 220 -41.66 45.45 -48.35
CA ALA B 220 -41.97 44.12 -48.88
C ALA B 220 -42.48 43.27 -47.72
N SER B 221 -43.81 43.15 -47.64
CA SER B 221 -44.43 42.37 -46.57
C SER B 221 -44.34 40.86 -46.80
N SER B 222 -43.75 40.42 -47.91
CA SER B 222 -43.54 38.99 -48.18
C SER B 222 -42.42 38.49 -47.29
N SER B 223 -42.79 38.08 -46.08
CA SER B 223 -41.84 37.63 -45.06
C SER B 223 -41.38 36.19 -45.29
N LYS B 224 -40.81 35.59 -44.25
CA LYS B 224 -40.34 34.20 -44.17
C LYS B 224 -39.15 33.93 -45.08
N SER B 225 -38.38 34.97 -45.42
CA SER B 225 -37.06 34.79 -46.02
C SER B 225 -36.00 34.90 -44.93
N TRP B 226 -35.17 33.88 -44.81
CA TRP B 226 -34.13 33.86 -43.78
C TRP B 226 -32.92 33.11 -44.33
N ILE B 227 -32.02 32.69 -43.45
CA ILE B 227 -30.97 31.73 -43.76
C ILE B 227 -30.61 30.96 -42.49
N THR B 228 -30.70 29.63 -42.56
CA THR B 228 -30.50 28.76 -41.40
C THR B 228 -29.15 28.07 -41.51
N PHE B 229 -28.36 28.14 -40.45
CA PHE B 229 -27.02 27.59 -40.42
C PHE B 229 -26.80 26.81 -39.13
N ASP B 230 -25.93 25.80 -39.20
CA ASP B 230 -25.66 24.87 -38.11
C ASP B 230 -24.24 25.10 -37.60
N LEU B 231 -24.02 24.81 -36.31
CA LEU B 231 -22.69 24.96 -35.71
C LEU B 231 -22.26 23.67 -35.03
N LYS B 232 -21.09 23.18 -35.48
CA LYS B 232 -20.39 22.00 -34.90
C LYS B 232 -18.86 22.12 -35.06
N ASN B 233 -18.13 22.52 -34.00
CA ASN B 233 -16.63 22.61 -33.91
C ASN B 233 -16.04 23.76 -34.75
N LYS B 234 -14.70 23.82 -34.91
CA LYS B 234 -14.14 24.88 -35.77
C LYS B 234 -14.66 24.49 -37.14
N GLU B 235 -15.46 25.34 -37.76
CA GLU B 235 -16.08 24.97 -39.02
C GLU B 235 -17.46 25.64 -39.04
N VAL B 236 -17.89 26.13 -40.19
CA VAL B 236 -19.26 26.63 -40.36
C VAL B 236 -19.87 25.98 -41.60
N SER B 237 -21.05 25.38 -41.43
CA SER B 237 -21.74 24.72 -42.52
C SER B 237 -23.22 25.08 -42.48
N VAL B 238 -23.74 25.57 -43.61
CA VAL B 238 -25.17 25.82 -43.76
C VAL B 238 -25.89 24.49 -43.89
N LYS B 239 -26.98 24.31 -43.13
CA LYS B 239 -27.80 23.11 -43.29
C LYS B 239 -28.46 23.10 -44.66
N ARG B 240 -29.46 23.97 -44.84
CA ARG B 240 -30.07 24.42 -46.09
C ARG B 240 -31.13 25.47 -45.75
N VAL B 241 -30.98 26.60 -46.44
CA VAL B 241 -31.90 27.79 -46.48
C VAL B 241 -31.87 28.22 -47.95
N THR B 242 -33.01 28.46 -48.59
CA THR B 242 -33.01 28.84 -50.03
C THR B 242 -33.94 30.04 -50.24
N GLN B 243 -33.69 30.84 -51.29
CA GLN B 243 -34.60 32.02 -51.51
C GLN B 243 -33.99 33.16 -52.33
N ASP B 244 -34.74 34.25 -52.59
CA ASP B 244 -34.15 35.37 -53.35
C ASP B 244 -32.77 35.95 -53.02
N PRO B 245 -32.33 36.14 -51.76
CA PRO B 245 -30.98 36.66 -51.53
C PRO B 245 -29.93 35.55 -51.72
N LYS B 246 -28.91 35.79 -52.56
CA LYS B 246 -27.85 34.79 -52.76
C LYS B 246 -26.81 34.99 -51.65
N LEU B 247 -27.22 34.61 -50.44
CA LEU B 247 -26.38 34.79 -49.26
C LEU B 247 -25.39 33.63 -49.19
N GLN B 248 -24.12 33.93 -49.40
CA GLN B 248 -23.05 32.96 -49.25
C GLN B 248 -22.39 33.16 -47.90
N MET B 249 -22.17 32.06 -47.19
CA MET B 249 -21.63 32.09 -45.84
C MET B 249 -20.30 31.35 -45.81
N GLY B 250 -19.33 31.93 -45.09
CA GLY B 250 -18.02 31.34 -44.99
C GLY B 250 -18.01 30.08 -44.15
N LYS B 251 -16.88 29.39 -44.18
CA LYS B 251 -16.72 28.11 -43.51
C LYS B 251 -16.13 28.23 -42.12
N LYS B 252 -15.79 29.44 -41.66
CA LYS B 252 -15.11 29.62 -40.39
C LYS B 252 -15.92 30.54 -39.47
N LEU B 253 -15.73 30.34 -38.15
CA LEU B 253 -16.43 31.02 -37.05
C LEU B 253 -16.46 32.55 -37.10
N PRO B 254 -15.51 33.26 -37.75
CA PRO B 254 -15.84 34.62 -38.17
C PRO B 254 -16.86 34.61 -39.29
N LEU B 255 -18.15 34.55 -38.91
CA LEU B 255 -19.25 34.49 -39.88
C LEU B 255 -19.24 35.67 -40.84
N HIS B 256 -19.23 35.36 -42.14
CA HIS B 256 -19.30 36.35 -43.20
C HIS B 256 -20.62 36.16 -43.93
N LEU B 257 -21.63 36.92 -43.53
CA LEU B 257 -22.91 36.90 -44.23
C LEU B 257 -22.77 37.83 -45.43
N THR B 258 -22.37 37.25 -46.56
CA THR B 258 -22.03 38.01 -47.76
C THR B 258 -23.24 38.16 -48.66
N LEU B 259 -23.38 39.36 -49.23
CA LEU B 259 -24.48 39.68 -50.13
C LEU B 259 -23.87 40.23 -51.41
N PRO B 260 -24.19 39.65 -52.60
CA PRO B 260 -23.46 39.97 -53.83
C PRO B 260 -23.54 41.41 -54.31
N GLN B 261 -24.75 41.90 -54.58
CA GLN B 261 -24.95 43.27 -55.03
C GLN B 261 -26.10 43.89 -54.24
N ALA B 262 -25.91 45.15 -53.83
CA ALA B 262 -26.88 45.83 -52.97
C ALA B 262 -28.05 46.29 -53.82
N LEU B 263 -28.98 45.37 -54.06
CA LEU B 263 -30.21 45.71 -54.72
C LEU B 263 -31.12 46.48 -53.75
N PRO B 264 -31.93 47.42 -54.26
CA PRO B 264 -32.73 48.27 -53.36
C PRO B 264 -33.81 47.53 -52.58
N GLN B 265 -34.25 46.35 -53.02
CA GLN B 265 -35.21 45.57 -52.24
C GLN B 265 -34.56 44.76 -51.13
N TYR B 266 -33.22 44.74 -51.05
CA TYR B 266 -32.51 43.98 -50.03
C TYR B 266 -32.20 44.81 -48.78
N ALA B 267 -32.99 45.84 -48.50
CA ALA B 267 -32.72 46.76 -47.40
C ALA B 267 -33.84 46.68 -46.36
N GLY B 268 -33.47 46.85 -45.11
CA GLY B 268 -34.41 46.83 -44.01
C GLY B 268 -33.75 46.37 -42.74
N SER B 269 -34.58 46.00 -41.76
CA SER B 269 -34.10 45.52 -40.48
C SER B 269 -33.91 44.01 -40.50
N GLY B 270 -33.39 43.47 -39.39
CA GLY B 270 -33.15 42.04 -39.29
C GLY B 270 -32.64 41.62 -37.92
N ASN B 271 -32.87 40.36 -37.56
CA ASN B 271 -32.47 39.83 -36.26
C ASN B 271 -31.70 38.54 -36.44
N LEU B 272 -30.54 38.45 -35.79
CA LEU B 272 -29.68 37.27 -35.84
C LEU B 272 -29.85 36.48 -34.55
N THR B 273 -30.43 35.29 -34.66
CA THR B 273 -30.70 34.44 -33.51
C THR B 273 -29.73 33.26 -33.51
N LEU B 274 -28.91 33.16 -32.46
CA LEU B 274 -28.00 32.05 -32.27
C LEU B 274 -28.41 31.28 -31.01
N ALA B 275 -28.40 29.95 -31.10
CA ALA B 275 -28.84 29.11 -30.00
C ALA B 275 -27.85 27.97 -29.79
N LEU B 276 -27.31 27.89 -28.58
CA LEU B 276 -26.45 26.78 -28.18
C LEU B 276 -27.19 25.93 -27.15
N GLU B 277 -26.58 24.83 -26.74
CA GLU B 277 -27.24 23.89 -25.85
C GLU B 277 -26.20 23.23 -24.94
N ALA B 278 -26.71 22.25 -24.19
CA ALA B 278 -26.09 21.61 -23.01
C ALA B 278 -26.72 22.28 -21.78
N LYS B 279 -27.23 23.51 -22.00
CA LYS B 279 -28.04 24.45 -21.17
C LYS B 279 -28.66 25.35 -22.24
N THR B 280 -29.90 25.10 -22.67
CA THR B 280 -30.38 25.85 -23.82
C THR B 280 -30.57 27.33 -23.50
N GLY B 281 -30.59 28.14 -24.56
CA GLY B 281 -30.66 29.59 -24.45
C GLY B 281 -30.35 30.22 -25.80
N LYS B 282 -30.90 31.41 -26.04
CA LYS B 282 -30.86 32.01 -27.37
C LYS B 282 -30.33 33.43 -27.31
N LEU B 283 -29.34 33.72 -28.15
CA LEU B 283 -28.81 35.07 -28.32
C LEU B 283 -29.56 35.79 -29.44
N HIS B 284 -29.48 37.12 -29.41
CA HIS B 284 -30.16 37.97 -30.38
C HIS B 284 -29.29 39.16 -30.72
N GLN B 285 -29.38 39.61 -31.97
CA GLN B 285 -28.55 40.71 -32.45
C GLN B 285 -29.23 41.33 -33.66
N GLU B 286 -29.19 42.66 -33.74
CA GLU B 286 -29.89 43.40 -34.78
C GLU B 286 -29.00 43.63 -36.00
N VAL B 287 -29.59 43.44 -37.19
CA VAL B 287 -28.89 43.57 -38.47
C VAL B 287 -29.62 44.59 -39.32
N ASN B 288 -28.88 45.53 -39.90
CA ASN B 288 -29.46 46.59 -40.73
C ASN B 288 -28.63 46.77 -41.99
N LEU B 289 -29.28 47.28 -43.04
CA LEU B 289 -28.62 47.53 -44.32
C LEU B 289 -29.30 48.67 -45.05
N VAL B 290 -28.51 49.65 -45.49
CA VAL B 290 -28.98 50.85 -46.17
C VAL B 290 -28.44 50.85 -47.59
N VAL B 291 -29.32 51.06 -48.57
CA VAL B 291 -28.98 50.99 -49.99
C VAL B 291 -29.31 52.34 -50.64
N MET B 292 -28.35 52.88 -51.39
CA MET B 292 -28.55 54.09 -52.18
C MET B 292 -28.54 53.73 -53.67
N ARG B 293 -29.48 54.32 -54.41
CA ARG B 293 -29.64 54.07 -55.84
C ARG B 293 -29.57 55.40 -56.58
N ALA B 294 -28.43 55.70 -57.19
CA ALA B 294 -28.23 56.92 -57.98
C ALA B 294 -28.17 56.55 -59.45
N THR B 295 -29.23 56.90 -60.20
CA THR B 295 -29.31 56.60 -61.62
C THR B 295 -30.16 57.66 -62.30
N GLN B 296 -29.62 58.31 -63.33
CA GLN B 296 -30.38 59.30 -64.08
C GLN B 296 -31.43 58.62 -64.96
N LEU B 297 -32.65 59.16 -64.93
CA LEU B 297 -33.74 58.59 -65.71
C LEU B 297 -33.66 59.03 -67.17
N GLN B 298 -33.48 60.33 -67.38
CA GLN B 298 -33.33 60.97 -68.68
C GLN B 298 -32.20 61.99 -68.53
N LYS B 299 -32.16 63.03 -69.38
CA LYS B 299 -31.23 64.15 -69.18
C LYS B 299 -31.43 64.90 -67.86
N ASN B 300 -32.51 64.63 -67.12
CA ASN B 300 -32.68 65.01 -65.73
C ASN B 300 -32.46 63.77 -64.85
N LEU B 301 -31.94 63.97 -63.66
CA LEU B 301 -31.56 62.86 -62.78
C LEU B 301 -32.48 62.80 -61.56
N THR B 302 -32.41 61.65 -60.87
CA THR B 302 -33.20 61.38 -59.67
C THR B 302 -32.47 60.30 -58.86
N CYS B 303 -32.34 60.53 -57.55
CA CYS B 303 -31.70 59.57 -56.67
C CYS B 303 -32.60 59.28 -55.48
N GLU B 304 -32.44 58.08 -54.90
CA GLU B 304 -33.27 57.64 -53.79
C GLU B 304 -32.44 56.80 -52.82
N VAL B 305 -32.85 56.81 -51.55
CA VAL B 305 -32.19 56.07 -50.49
C VAL B 305 -33.20 55.12 -49.85
N TRP B 306 -32.84 53.85 -49.79
CA TRP B 306 -33.65 52.81 -49.16
C TRP B 306 -33.00 52.36 -47.86
N GLY B 307 -33.79 51.68 -47.02
CA GLY B 307 -33.30 51.12 -45.79
C GLY B 307 -33.91 51.73 -44.55
N PRO B 308 -33.43 51.30 -43.37
CA PRO B 308 -33.93 51.89 -42.12
C PRO B 308 -33.40 53.30 -41.90
N THR B 309 -34.00 54.27 -42.58
CA THR B 309 -33.55 55.64 -42.52
C THR B 309 -34.13 56.35 -41.30
N SER B 310 -33.38 57.28 -40.78
CA SER B 310 -33.70 58.08 -39.62
C SER B 310 -34.55 59.29 -40.03
N PRO B 311 -35.44 59.77 -39.17
CA PRO B 311 -36.18 61.01 -39.48
C PRO B 311 -35.39 62.29 -39.24
N LYS B 312 -34.10 62.19 -38.89
CA LYS B 312 -33.27 63.36 -38.61
C LYS B 312 -32.22 63.62 -39.68
N LEU B 313 -32.08 62.76 -40.68
CA LEU B 313 -30.97 62.82 -41.61
C LEU B 313 -31.16 63.94 -42.64
N MET B 314 -30.20 64.02 -43.57
CA MET B 314 -30.21 64.99 -44.65
C MET B 314 -29.99 64.26 -45.98
N LEU B 315 -30.25 64.96 -47.07
CA LEU B 315 -29.96 64.43 -48.40
C LEU B 315 -29.58 65.60 -49.29
N SER B 316 -28.51 65.45 -50.06
CA SER B 316 -28.00 66.53 -50.88
C SER B 316 -27.49 65.97 -52.21
N LEU B 317 -27.63 66.79 -53.26
CA LEU B 317 -27.20 66.43 -54.60
C LEU B 317 -26.46 67.64 -55.18
N LYS B 318 -25.15 67.51 -55.34
CA LYS B 318 -24.32 68.63 -55.79
C LYS B 318 -23.35 68.16 -56.86
N LEU B 319 -22.90 69.11 -57.68
CA LEU B 319 -22.02 68.86 -58.81
C LEU B 319 -20.55 69.02 -58.46
N GLU B 320 -20.21 69.08 -57.17
CA GLU B 320 -18.90 69.01 -56.51
C GLU B 320 -17.96 70.15 -56.86
N ASN B 321 -18.35 71.06 -57.75
CA ASN B 321 -17.62 72.31 -57.94
C ASN B 321 -18.22 73.42 -57.10
N LYS B 322 -19.53 73.60 -57.18
CA LYS B 322 -20.27 74.53 -56.35
C LYS B 322 -20.91 73.77 -55.18
N GLU B 323 -21.77 74.45 -54.43
CA GLU B 323 -22.40 73.87 -53.26
C GLU B 323 -23.61 73.03 -53.65
N ALA B 324 -24.45 72.70 -52.66
CA ALA B 324 -25.60 71.83 -52.88
C ALA B 324 -26.66 72.51 -53.73
N LYS B 325 -27.11 71.80 -54.77
CA LYS B 325 -28.20 72.30 -55.60
C LYS B 325 -29.56 72.06 -54.97
N VAL B 326 -29.66 71.08 -54.07
CA VAL B 326 -30.90 70.81 -53.33
C VAL B 326 -30.53 70.18 -52.00
N SER B 327 -31.29 70.52 -50.96
CA SER B 327 -31.10 69.94 -49.63
C SER B 327 -32.48 69.74 -49.02
N LYS B 328 -32.81 68.50 -48.70
CA LYS B 328 -34.12 68.15 -48.16
C LYS B 328 -33.95 67.10 -47.07
N ARG B 329 -35.04 66.81 -46.37
CA ARG B 329 -35.08 65.76 -45.36
C ARG B 329 -36.12 64.74 -45.79
N GLU B 330 -35.73 63.85 -46.70
CA GLU B 330 -36.59 62.83 -47.30
C GLU B 330 -35.71 61.68 -47.73
N LYS B 331 -36.34 60.73 -48.45
CA LYS B 331 -35.63 59.59 -49.01
C LYS B 331 -35.65 59.55 -50.54
N ALA B 332 -36.39 60.46 -51.19
CA ALA B 332 -36.48 60.49 -52.66
C ALA B 332 -36.45 61.95 -53.10
N VAL B 333 -35.25 62.44 -53.40
CA VAL B 333 -35.04 63.82 -53.82
C VAL B 333 -34.59 63.81 -55.28
N TRP B 334 -35.11 64.75 -56.07
CA TRP B 334 -34.86 64.82 -57.50
C TRP B 334 -34.22 66.14 -57.87
N VAL B 335 -33.51 66.15 -59.00
CA VAL B 335 -32.90 67.35 -59.56
C VAL B 335 -33.33 67.45 -61.02
N LEU B 336 -34.10 68.48 -61.35
CA LEU B 336 -34.38 68.81 -62.74
C LEU B 336 -33.37 69.83 -63.24
N ASN B 337 -33.06 69.73 -64.55
CA ASN B 337 -32.05 70.50 -65.28
C ASN B 337 -30.67 70.44 -64.61
N PRO B 338 -29.95 69.33 -64.67
CA PRO B 338 -28.59 69.30 -64.15
C PRO B 338 -27.59 69.83 -65.17
N GLU B 339 -26.33 69.90 -64.73
CA GLU B 339 -25.24 70.35 -65.59
C GLU B 339 -24.14 69.29 -65.62
N ALA B 340 -23.09 69.59 -66.39
CA ALA B 340 -21.98 68.66 -66.51
C ALA B 340 -21.16 68.62 -65.23
N GLY B 341 -20.77 67.42 -64.84
CA GLY B 341 -19.96 67.23 -63.65
C GLY B 341 -20.19 65.87 -63.03
N MET B 342 -19.26 65.49 -62.15
CA MET B 342 -19.38 64.25 -61.39
C MET B 342 -20.28 64.52 -60.19
N TRP B 343 -21.57 64.24 -60.35
CA TRP B 343 -22.56 64.53 -59.33
C TRP B 343 -22.41 63.60 -58.14
N GLN B 344 -22.49 64.19 -56.94
CA GLN B 344 -22.30 63.48 -55.68
C GLN B 344 -23.59 63.52 -54.88
N CYS B 345 -23.98 62.37 -54.33
CA CYS B 345 -25.10 62.29 -53.42
C CYS B 345 -24.59 62.13 -52.00
N LEU B 346 -25.21 62.85 -51.06
CA LEU B 346 -24.73 62.91 -49.69
C LEU B 346 -25.82 62.43 -48.74
N LEU B 347 -25.57 61.31 -48.06
CA LEU B 347 -26.39 60.86 -46.95
C LEU B 347 -25.58 61.06 -45.68
N SER B 348 -26.19 61.66 -44.67
CA SER B 348 -25.45 62.08 -43.48
C SER B 348 -26.35 61.94 -42.27
N ASP B 349 -25.73 62.18 -41.09
CA ASP B 349 -26.41 62.09 -39.78
C ASP B 349 -25.78 63.06 -38.76
N SER B 350 -26.27 64.31 -38.73
CA SER B 350 -25.85 65.34 -37.73
C SER B 350 -24.35 65.66 -37.72
N GLY B 351 -23.68 65.73 -38.88
CA GLY B 351 -22.29 66.15 -38.90
C GLY B 351 -21.38 65.47 -39.92
N GLN B 352 -21.76 64.28 -40.37
CA GLN B 352 -20.81 63.36 -40.99
C GLN B 352 -21.48 62.62 -42.15
N VAL B 353 -20.84 62.66 -43.32
CA VAL B 353 -21.38 62.01 -44.51
C VAL B 353 -21.25 60.50 -44.38
N LEU B 354 -22.38 59.80 -44.47
CA LEU B 354 -22.41 58.34 -44.35
C LEU B 354 -22.22 57.67 -45.71
N LEU B 355 -23.06 58.02 -46.69
CA LEU B 355 -23.02 57.43 -48.03
C LEU B 355 -22.60 58.47 -49.06
N GLU B 356 -21.94 57.98 -50.12
CA GLU B 356 -21.49 58.82 -51.22
C GLU B 356 -21.55 58.02 -52.51
N SER B 357 -22.14 58.59 -53.54
CA SER B 357 -22.30 57.92 -54.83
C SER B 357 -22.03 58.91 -55.95
N ASN B 358 -21.18 58.53 -56.89
CA ASN B 358 -20.80 59.37 -58.01
C ASN B 358 -21.58 59.00 -59.26
N ILE B 359 -21.93 60.01 -60.05
CA ILE B 359 -22.64 59.83 -61.31
C ILE B 359 -22.35 61.06 -62.17
N LYS B 360 -22.36 60.87 -63.50
CA LYS B 360 -22.01 61.93 -64.42
C LYS B 360 -23.19 62.27 -65.33
N VAL B 361 -23.20 63.51 -65.81
CA VAL B 361 -24.16 64.01 -66.79
C VAL B 361 -23.39 64.46 -68.01
N LEU B 362 -23.80 64.00 -69.19
CA LEU B 362 -23.04 64.21 -70.42
C LEU B 362 -23.12 65.64 -70.97
N PRO B 363 -24.31 66.32 -70.98
CA PRO B 363 -24.17 67.73 -71.38
C PRO B 363 -23.57 68.60 -70.27
N MET C 1 7.45 17.92 11.87
CA MET C 1 6.51 18.36 10.86
C MET C 1 6.68 17.58 9.57
N ASP C 2 7.93 17.19 9.27
CA ASP C 2 8.25 16.43 8.05
C ASP C 2 9.01 15.17 8.45
N TYR C 3 8.27 14.13 8.82
CA TYR C 3 8.89 12.87 9.25
C TYR C 3 8.99 11.92 8.07
N GLN C 4 10.18 11.36 7.86
CA GLN C 4 10.47 10.45 6.76
C GLN C 4 10.43 8.99 7.21
N VAL C 5 9.26 8.53 7.65
CA VAL C 5 9.01 7.10 7.84
C VAL C 5 7.68 6.80 7.13
N SER C 6 7.75 6.39 5.87
CA SER C 6 6.60 5.85 5.14
C SER C 6 7.14 4.90 4.06
N SER C 7 7.25 3.62 4.40
CA SER C 7 7.74 2.64 3.45
C SER C 7 7.11 1.28 3.73
N PRO C 8 6.27 0.77 2.82
CA PRO C 8 5.68 -0.56 3.02
C PRO C 8 6.57 -1.72 2.59
N ILE C 9 7.70 -1.45 1.93
CA ILE C 9 8.59 -2.48 1.41
C ILE C 9 9.23 -3.29 2.55
N ASP C 11 11.81 -6.99 3.47
CA ASP C 11 12.80 -7.93 2.96
C ASP C 11 12.61 -9.33 3.53
N ILE C 12 12.55 -10.32 2.66
CA ILE C 12 12.40 -11.71 3.10
C ILE C 12 13.77 -12.28 3.45
N ASN C 13 14.21 -11.96 4.67
CA ASN C 13 15.52 -12.36 5.18
C ASN C 13 15.46 -12.40 6.70
N TYR C 15 17.37 -12.51 10.61
CA TYR C 15 18.36 -11.62 11.24
C TYR C 15 19.56 -12.42 11.68
N THR C 16 20.71 -12.11 11.09
CA THR C 16 21.98 -12.74 11.42
C THR C 16 22.97 -11.64 11.78
N SER C 17 24.24 -12.02 11.95
CA SER C 17 25.29 -11.09 12.28
C SER C 17 26.17 -10.76 11.07
N GLU C 18 25.76 -11.22 9.89
CA GLU C 18 26.49 -10.96 8.65
C GLU C 18 25.42 -10.93 7.56
N PRO C 19 25.06 -9.73 7.08
CA PRO C 19 24.04 -9.66 6.00
C PRO C 19 24.64 -10.11 4.68
N CYS C 20 24.02 -11.13 4.09
CA CYS C 20 24.48 -11.73 2.84
C CYS C 20 23.38 -11.58 1.81
N GLN C 21 23.61 -10.72 0.83
CA GLN C 21 22.67 -10.51 -0.27
C GLN C 21 23.03 -11.51 -1.35
N LYS C 22 22.29 -12.62 -1.38
CA LYS C 22 22.53 -13.69 -2.34
C LYS C 22 21.64 -13.46 -3.56
N ILE C 23 22.29 -13.37 -4.70
CA ILE C 23 21.63 -13.14 -5.98
C ILE C 23 21.12 -14.45 -6.56
N ASN C 24 19.89 -14.38 -7.06
CA ASN C 24 19.10 -15.47 -7.62
C ASN C 24 19.79 -16.09 -8.85
N VAL C 25 20.38 -15.27 -9.70
CA VAL C 25 21.25 -15.82 -10.79
C VAL C 25 20.46 -16.81 -11.64
N LYS C 26 19.13 -16.70 -11.63
CA LYS C 26 18.26 -17.53 -12.46
C LYS C 26 18.01 -16.90 -13.83
N GLN C 27 17.72 -15.58 -13.88
CA GLN C 27 17.41 -14.89 -15.13
C GLN C 27 18.58 -14.84 -16.11
N ILE C 28 19.79 -14.55 -15.62
CA ILE C 28 20.98 -14.52 -16.47
C ILE C 28 21.25 -15.92 -17.01
N ALA C 29 20.99 -16.93 -16.18
CA ALA C 29 21.18 -18.32 -16.58
C ALA C 29 20.01 -18.78 -17.45
N ALA C 30 18.83 -18.17 -17.30
CA ALA C 30 17.70 -18.53 -18.13
C ALA C 30 17.80 -17.94 -19.54
N ARG C 31 18.74 -17.03 -19.79
CA ARG C 31 18.94 -16.51 -21.13
C ARG C 31 20.12 -17.20 -21.80
N LEU C 32 20.70 -18.22 -21.14
CA LEU C 32 21.85 -18.94 -21.66
C LEU C 32 21.61 -20.44 -21.72
N LEU C 33 20.79 -20.97 -20.80
CA LEU C 33 20.54 -22.41 -20.73
C LEU C 33 19.53 -22.98 -21.74
N PRO C 34 18.35 -22.39 -21.99
CA PRO C 34 17.41 -23.01 -22.97
C PRO C 34 17.93 -23.12 -24.39
N PRO C 35 18.67 -22.13 -24.95
CA PRO C 35 19.22 -22.40 -26.29
C PRO C 35 20.36 -23.41 -26.26
N LEU C 36 21.20 -23.38 -25.22
CA LEU C 36 22.28 -24.36 -25.09
C LEU C 36 21.74 -25.78 -24.93
N TYR C 37 20.79 -25.97 -24.00
CA TYR C 37 20.20 -27.30 -23.77
C TYR C 37 19.47 -27.81 -25.01
N SER C 38 18.82 -26.90 -25.76
CA SER C 38 18.21 -27.29 -27.02
C SER C 38 19.26 -27.73 -28.03
N LEU C 39 20.39 -27.01 -28.09
CA LEU C 39 21.47 -27.36 -29.00
C LEU C 39 22.09 -28.70 -28.62
N VAL C 40 22.24 -28.96 -27.32
CA VAL C 40 22.66 -30.27 -26.83
C VAL C 40 21.66 -31.34 -27.25
N PHE C 41 20.36 -31.05 -27.12
CA PHE C 41 19.32 -32.02 -27.49
C PHE C 41 19.26 -32.26 -29.00
N ILE C 42 19.52 -31.24 -29.82
CA ILE C 42 19.59 -31.43 -31.26
C ILE C 42 20.76 -32.35 -31.62
N PHE C 43 21.98 -31.95 -31.21
CA PHE C 43 23.17 -32.73 -31.53
C PHE C 43 23.15 -34.10 -30.87
N GLY C 44 22.59 -34.18 -29.66
CA GLY C 44 22.57 -35.45 -28.95
C GLY C 44 21.63 -36.48 -29.56
N PHE C 45 20.45 -36.03 -30.02
CA PHE C 45 19.47 -36.95 -30.55
C PHE C 45 19.92 -37.56 -31.86
N VAL C 46 20.29 -36.71 -32.84
CA VAL C 46 20.79 -37.21 -34.11
C VAL C 46 22.16 -37.85 -33.96
N GLY C 47 22.93 -37.49 -32.93
CA GLY C 47 24.21 -38.12 -32.72
C GLY C 47 24.10 -39.56 -32.31
N ASN C 48 23.28 -39.83 -31.28
CA ASN C 48 23.20 -41.19 -30.75
C ASN C 48 22.37 -42.13 -31.61
N MET C 49 21.35 -41.60 -32.32
CA MET C 49 20.58 -42.45 -33.23
C MET C 49 21.44 -42.98 -34.38
N LEU C 50 22.39 -42.18 -34.86
CA LEU C 50 23.36 -42.69 -35.84
C LEU C 50 24.22 -43.80 -35.25
N VAL C 51 24.62 -43.67 -33.98
CA VAL C 51 25.47 -44.69 -33.34
C VAL C 51 24.63 -45.95 -33.07
N ILE C 52 23.31 -45.83 -33.07
CA ILE C 52 22.42 -46.97 -32.91
C ILE C 52 22.14 -47.61 -34.26
N LEU C 53 22.02 -46.81 -35.31
CA LEU C 53 21.82 -47.34 -36.66
C LEU C 53 23.05 -48.09 -37.15
N ILE C 54 24.24 -47.53 -36.92
CA ILE C 54 25.49 -48.12 -37.42
C ILE C 54 25.79 -49.44 -36.73
N LEU C 55 25.72 -49.50 -35.41
CA LEU C 55 26.02 -50.73 -34.69
C LEU C 55 24.99 -51.85 -34.96
N ILE C 56 23.71 -51.51 -35.03
CA ILE C 56 22.65 -52.50 -35.29
C ILE C 56 22.74 -53.10 -36.71
N ASN C 57 23.10 -52.31 -37.72
CA ASN C 57 23.06 -52.84 -39.09
C ASN C 57 24.36 -52.84 -39.88
N CYS C 58 25.37 -52.06 -39.50
CA CYS C 58 26.63 -51.93 -40.23
C CYS C 58 27.75 -52.72 -39.57
N LYS C 59 27.78 -52.74 -38.24
CA LYS C 59 28.79 -53.47 -37.47
C LYS C 59 28.31 -54.87 -37.08
N ARG C 60 27.06 -55.03 -36.63
CA ARG C 60 26.49 -56.37 -36.29
C ARG C 60 26.67 -56.83 -34.83
N LEU C 61 27.11 -55.96 -33.92
CA LEU C 61 27.23 -56.26 -32.48
C LEU C 61 27.71 -57.68 -32.23
N LYS C 62 28.66 -58.13 -33.05
CA LYS C 62 29.29 -59.46 -32.98
C LYS C 62 30.14 -59.70 -31.72
N SER C 63 30.20 -58.80 -30.75
CA SER C 63 31.12 -58.94 -29.63
C SER C 63 30.53 -58.25 -28.41
N MET C 64 31.09 -58.58 -27.23
CA MET C 64 30.62 -57.99 -25.97
C MET C 64 30.89 -56.49 -25.88
N THR C 65 31.87 -55.97 -26.63
CA THR C 65 32.17 -54.54 -26.53
C THR C 65 31.12 -53.71 -27.23
N ASP C 66 30.70 -54.15 -28.42
CA ASP C 66 29.63 -53.52 -29.18
C ASP C 66 28.30 -53.50 -28.43
N ILE C 67 28.07 -54.52 -27.59
CA ILE C 67 26.85 -54.57 -26.78
C ILE C 67 26.87 -53.45 -25.74
N TYR C 68 28.03 -53.23 -25.12
CA TYR C 68 28.15 -52.17 -24.13
C TYR C 68 28.10 -50.81 -24.78
N LEU C 69 28.60 -50.69 -26.02
CA LEU C 69 28.52 -49.44 -26.77
C LEU C 69 27.08 -49.10 -27.14
N LEU C 70 26.28 -50.12 -27.48
CA LEU C 70 24.86 -49.91 -27.73
C LEU C 70 24.14 -49.39 -26.48
N ASN C 71 24.33 -50.09 -25.36
CA ASN C 71 23.68 -49.72 -24.10
C ASN C 71 24.14 -48.36 -23.59
N LEU C 72 25.38 -47.97 -23.90
CA LEU C 72 25.85 -46.65 -23.53
C LEU C 72 25.13 -45.56 -24.31
N ALA C 73 24.80 -45.83 -25.58
CA ALA C 73 24.02 -44.88 -26.35
C ALA C 73 22.56 -44.84 -25.88
N ILE C 74 22.03 -45.99 -25.44
CA ILE C 74 20.67 -46.03 -24.90
C ILE C 74 20.61 -45.28 -23.57
N SER C 75 21.64 -45.45 -22.72
CA SER C 75 21.74 -44.71 -21.47
C SER C 75 21.80 -43.21 -21.72
N ASP C 76 22.50 -42.80 -22.79
CA ASP C 76 22.52 -41.39 -23.16
C ASP C 76 21.15 -40.91 -23.63
N LEU C 77 20.35 -41.79 -24.25
CA LEU C 77 19.01 -41.37 -24.69
C LEU C 77 18.09 -41.11 -23.51
N PHE C 78 18.19 -41.93 -22.47
CA PHE C 78 17.42 -41.71 -21.24
C PHE C 78 17.78 -40.36 -20.62
N PHE C 79 19.06 -40.01 -20.68
CA PHE C 79 19.49 -38.66 -20.32
C PHE C 79 18.85 -37.62 -21.25
N LEU C 80 18.78 -37.92 -22.56
CA LEU C 80 18.36 -36.95 -23.57
C LEU C 80 16.86 -36.65 -23.51
N LEU C 81 16.03 -37.65 -23.22
CA LEU C 81 14.59 -37.44 -23.18
C LEU C 81 14.13 -36.50 -22.06
N THR C 82 14.97 -36.28 -21.05
CA THR C 82 14.66 -35.30 -20.02
C THR C 82 15.21 -33.92 -20.34
N VAL C 83 16.18 -33.82 -21.28
CA VAL C 83 16.83 -32.53 -21.57
C VAL C 83 15.87 -31.43 -22.01
N PRO C 84 14.90 -31.65 -22.92
CA PRO C 84 13.97 -30.54 -23.24
C PRO C 84 13.09 -30.09 -22.07
N PHE C 85 12.85 -30.95 -21.08
CA PHE C 85 12.10 -30.50 -19.91
C PHE C 85 12.91 -29.48 -19.09
N TRP C 86 14.18 -29.80 -18.82
CA TRP C 86 15.02 -28.89 -18.06
C TRP C 86 15.34 -27.61 -18.85
N ALA C 87 15.38 -27.71 -20.18
CA ALA C 87 15.47 -26.53 -21.04
C ALA C 87 14.29 -25.59 -20.82
N HIS C 88 13.10 -26.15 -20.59
CA HIS C 88 11.87 -25.40 -20.39
C HIS C 88 11.54 -25.28 -18.90
N TYR C 89 12.56 -25.35 -18.05
CA TYR C 89 12.44 -25.25 -16.61
C TYR C 89 13.30 -24.15 -16.03
N ALA C 90 14.46 -23.90 -16.61
CA ALA C 90 15.18 -22.67 -16.30
C ALA C 90 14.44 -21.47 -16.89
N ALA C 91 13.87 -21.64 -18.09
CA ALA C 91 13.17 -20.56 -18.77
C ALA C 91 11.93 -20.12 -18.01
N ALA C 92 11.11 -21.08 -17.57
CA ALA C 92 9.95 -20.69 -16.78
C ALA C 92 9.69 -21.31 -15.41
N GLN C 93 9.11 -22.52 -15.38
CA GLN C 93 9.02 -23.31 -14.15
C GLN C 93 8.76 -24.80 -14.39
N TRP C 94 8.20 -25.47 -13.39
CA TRP C 94 7.78 -26.87 -13.50
C TRP C 94 6.27 -26.98 -13.74
N ASP C 95 5.88 -27.26 -14.98
CA ASP C 95 4.49 -27.26 -15.40
C ASP C 95 3.89 -28.64 -15.44
N PHE C 96 4.66 -29.66 -15.07
CA PHE C 96 4.33 -31.06 -15.28
C PHE C 96 3.75 -31.77 -14.07
N GLY C 97 3.29 -31.04 -13.05
CA GLY C 97 2.72 -31.70 -11.87
C GLY C 97 3.77 -32.46 -11.08
N ASN C 98 3.45 -33.70 -10.69
CA ASN C 98 4.42 -34.50 -9.89
C ASN C 98 4.37 -36.00 -10.23
N THR C 99 3.23 -36.50 -10.71
CA THR C 99 3.09 -37.94 -10.97
C THR C 99 4.14 -38.41 -11.97
N MET C 100 4.42 -37.58 -12.98
CA MET C 100 5.49 -37.77 -13.94
C MET C 100 6.85 -37.38 -13.38
N CYS C 101 6.90 -36.67 -12.25
CA CYS C 101 8.16 -36.24 -11.69
C CYS C 101 8.90 -37.37 -10.98
N GLN C 102 8.20 -38.40 -10.52
CA GLN C 102 8.90 -39.53 -9.93
C GLN C 102 9.52 -40.42 -11.00
N LEU C 103 9.08 -40.28 -12.25
CA LEU C 103 9.64 -41.03 -13.36
C LEU C 103 10.79 -40.26 -14.02
N LEU C 104 10.57 -38.97 -14.30
CA LEU C 104 11.57 -38.15 -14.97
C LEU C 104 12.84 -37.99 -14.14
N THR C 105 12.69 -37.75 -12.83
CA THR C 105 13.83 -37.72 -11.92
C THR C 105 14.59 -39.04 -11.95
N GLY C 106 13.87 -40.16 -11.93
CA GLY C 106 14.52 -41.46 -12.02
C GLY C 106 15.21 -41.68 -13.35
N LEU C 107 14.57 -41.25 -14.45
CA LEU C 107 15.15 -41.41 -15.79
C LEU C 107 16.41 -40.58 -15.95
N TYR C 108 16.46 -39.41 -15.30
CA TYR C 108 17.69 -38.61 -15.24
C TYR C 108 18.83 -39.40 -14.62
N PHE C 109 18.60 -40.01 -13.46
CA PHE C 109 19.67 -40.75 -12.79
C PHE C 109 19.92 -42.12 -13.42
N ILE C 110 18.90 -42.74 -14.02
CA ILE C 110 19.13 -43.98 -14.77
C ILE C 110 20.03 -43.71 -15.96
N GLY C 111 19.81 -42.58 -16.65
CA GLY C 111 20.76 -42.14 -17.65
C GLY C 111 22.14 -41.85 -17.08
N PHE C 112 22.19 -41.24 -15.90
CA PHE C 112 23.47 -40.88 -15.28
C PHE C 112 24.23 -42.10 -14.78
N PHE C 113 23.61 -42.90 -13.89
CA PHE C 113 24.32 -43.99 -13.23
C PHE C 113 24.73 -45.10 -14.19
N SER C 114 23.82 -45.52 -15.07
CA SER C 114 24.17 -46.52 -16.07
C SER C 114 25.20 -46.01 -17.06
N GLY C 115 25.23 -44.68 -17.29
CA GLY C 115 26.23 -44.07 -18.15
C GLY C 115 27.67 -44.40 -17.75
N ILE C 116 28.00 -44.20 -16.48
CA ILE C 116 29.33 -44.58 -16.03
C ILE C 116 29.46 -46.10 -15.88
N PHE C 117 28.36 -46.81 -15.63
CA PHE C 117 28.44 -48.26 -15.39
C PHE C 117 28.86 -49.01 -16.65
N PHE C 118 28.37 -48.60 -17.82
CA PHE C 118 28.77 -49.31 -19.03
C PHE C 118 30.15 -48.89 -19.52
N ILE C 119 30.58 -47.65 -19.19
CA ILE C 119 31.95 -47.23 -19.50
C ILE C 119 32.95 -48.05 -18.70
N ILE C 120 32.63 -48.33 -17.43
CA ILE C 120 33.44 -49.25 -16.62
C ILE C 120 33.43 -50.65 -17.23
N LEU C 121 32.27 -51.11 -17.70
CA LEU C 121 32.19 -52.41 -18.37
C LEU C 121 32.97 -52.42 -19.68
N LEU C 122 32.97 -51.30 -20.42
CA LEU C 122 33.84 -51.16 -21.58
C LEU C 122 35.31 -51.29 -21.19
N THR C 123 35.71 -50.62 -20.10
CA THR C 123 37.08 -50.68 -19.61
C THR C 123 37.47 -52.09 -19.20
N ILE C 124 36.59 -52.79 -18.48
CA ILE C 124 36.92 -54.13 -18.00
C ILE C 124 36.99 -55.12 -19.16
N ASP C 125 36.09 -54.99 -20.14
CA ASP C 125 36.11 -55.84 -21.33
C ASP C 125 37.39 -55.67 -22.14
N ARG C 126 37.89 -54.43 -22.25
CA ARG C 126 39.14 -54.23 -22.97
C ARG C 126 40.34 -54.63 -22.14
N TYR C 127 40.26 -54.46 -20.81
CA TYR C 127 41.31 -54.93 -19.91
C TYR C 127 41.47 -56.45 -19.96
N LEU C 128 40.34 -57.17 -19.90
CA LEU C 128 40.38 -58.63 -20.01
C LEU C 128 40.92 -59.09 -21.37
N ALA C 129 40.61 -58.35 -22.42
CA ALA C 129 41.04 -58.73 -23.77
C ALA C 129 42.55 -58.63 -23.94
N VAL C 130 43.20 -57.70 -23.24
CA VAL C 130 44.63 -57.47 -23.44
C VAL C 130 45.48 -58.35 -22.51
N VAL C 131 45.12 -58.45 -21.24
CA VAL C 131 46.00 -59.12 -20.27
C VAL C 131 45.63 -60.60 -20.12
N HIS C 132 44.39 -60.87 -19.73
CA HIS C 132 43.90 -62.24 -19.54
C HIS C 132 43.18 -62.72 -20.80
N ALA C 133 43.96 -62.97 -21.86
CA ALA C 133 43.40 -63.32 -23.15
C ALA C 133 42.79 -64.72 -23.16
N VAL C 134 43.32 -65.64 -22.36
CA VAL C 134 42.72 -66.96 -22.21
C VAL C 134 41.39 -66.85 -21.46
N PHE C 135 41.39 -66.13 -20.34
CA PHE C 135 40.20 -65.98 -19.51
C PHE C 135 39.10 -65.18 -20.22
N ALA C 136 39.48 -64.10 -20.91
CA ALA C 136 38.53 -63.24 -21.60
C ALA C 136 37.76 -63.97 -22.70
N LEU C 137 38.44 -64.82 -23.47
CA LEU C 137 37.76 -65.56 -24.55
C LEU C 137 36.66 -66.46 -24.01
N LYS C 138 36.91 -67.11 -22.87
CA LYS C 138 35.86 -67.95 -22.28
C LYS C 138 34.66 -67.10 -21.83
N ALA C 139 34.90 -65.91 -21.27
CA ALA C 139 33.84 -65.10 -20.68
C ALA C 139 33.33 -63.93 -21.52
N ARG C 140 33.77 -63.79 -22.79
CA ARG C 140 33.32 -62.65 -23.59
C ARG C 140 32.27 -63.07 -24.61
N THR C 141 31.45 -64.04 -24.23
CA THR C 141 30.31 -64.43 -25.05
C THR C 141 29.28 -63.30 -25.07
N VAL C 142 28.69 -63.08 -26.25
CA VAL C 142 27.65 -62.07 -26.43
C VAL C 142 26.45 -62.36 -25.53
N THR C 143 26.14 -63.65 -25.35
CA THR C 143 25.15 -64.10 -24.37
C THR C 143 25.47 -63.59 -22.96
N PHE C 144 26.73 -63.74 -22.53
CA PHE C 144 27.14 -63.22 -21.24
C PHE C 144 27.13 -61.69 -21.20
N GLY C 145 27.33 -61.05 -22.36
CA GLY C 145 27.20 -59.61 -22.44
C GLY C 145 25.80 -59.11 -22.16
N VAL C 146 24.79 -59.84 -22.63
CA VAL C 146 23.40 -59.41 -22.48
C VAL C 146 22.97 -59.49 -21.02
N VAL C 147 23.22 -60.63 -20.37
CA VAL C 147 22.81 -60.84 -18.98
C VAL C 147 23.58 -59.91 -18.04
N THR C 148 24.81 -59.54 -18.38
CA THR C 148 25.54 -58.55 -17.60
C THR C 148 24.87 -57.18 -17.71
N SER C 149 24.44 -56.83 -18.93
CA SER C 149 23.77 -55.55 -19.17
C SER C 149 22.43 -55.46 -18.46
N VAL C 150 21.67 -56.57 -18.44
CA VAL C 150 20.35 -56.59 -17.79
C VAL C 150 20.50 -56.33 -16.29
N ILE C 151 21.45 -57.00 -15.65
CA ILE C 151 21.82 -56.71 -14.25
C ILE C 151 22.24 -55.26 -14.09
N THR C 152 23.02 -54.74 -15.05
CA THR C 152 23.52 -53.36 -14.99
C THR C 152 22.39 -52.35 -15.03
N TRP C 153 21.34 -52.61 -15.83
CA TRP C 153 20.19 -51.71 -15.84
C TRP C 153 19.42 -51.76 -14.52
N VAL C 154 19.26 -52.95 -13.95
CA VAL C 154 18.56 -53.13 -12.66
C VAL C 154 19.26 -52.36 -11.55
N VAL C 155 20.58 -52.53 -11.43
CA VAL C 155 21.39 -51.81 -10.44
C VAL C 155 21.27 -50.30 -10.63
N ALA C 156 21.29 -49.85 -11.90
CA ALA C 156 21.09 -48.43 -12.21
C ALA C 156 19.72 -47.92 -11.75
N VAL C 157 18.70 -48.77 -11.78
CA VAL C 157 17.39 -48.38 -11.25
C VAL C 157 17.45 -48.28 -9.72
N PHE C 158 18.07 -49.29 -9.09
CA PHE C 158 18.19 -49.31 -7.63
C PHE C 158 19.08 -48.18 -7.12
N ALA C 159 20.08 -47.76 -7.93
CA ALA C 159 20.93 -46.63 -7.57
C ALA C 159 20.18 -45.30 -7.57
N SER C 160 19.00 -45.23 -8.19
CA SER C 160 18.13 -44.07 -8.12
C SER C 160 16.92 -44.28 -7.22
N LEU C 161 16.74 -45.49 -6.70
CA LEU C 161 15.54 -45.84 -5.93
C LEU C 161 15.34 -45.06 -4.64
N PRO C 162 16.38 -44.67 -3.85
CA PRO C 162 16.13 -43.70 -2.77
C PRO C 162 15.61 -42.34 -3.23
N GLY C 163 15.98 -41.88 -4.43
CA GLY C 163 15.43 -40.64 -4.95
C GLY C 163 13.94 -40.68 -5.25
N ILE C 164 13.37 -41.87 -5.42
CA ILE C 164 11.95 -42.01 -5.77
C ILE C 164 11.07 -42.18 -4.52
N ILE C 165 11.64 -42.11 -3.32
CA ILE C 165 10.88 -42.26 -2.08
C ILE C 165 9.83 -41.16 -1.94
N PHE C 166 10.18 -39.93 -2.32
CA PHE C 166 9.26 -38.81 -2.25
C PHE C 166 9.61 -37.82 -3.34
N THR C 167 8.62 -37.50 -4.19
CA THR C 167 8.75 -36.52 -5.27
C THR C 167 7.60 -35.52 -5.27
N ARG C 168 6.92 -35.36 -4.14
CA ARG C 168 5.77 -34.48 -4.03
C ARG C 168 6.16 -33.04 -4.36
N SER C 169 5.30 -32.35 -5.10
CA SER C 169 5.55 -30.97 -5.52
C SER C 169 4.44 -30.06 -5.03
N GLN C 170 4.84 -28.97 -4.37
CA GLN C 170 3.92 -27.96 -3.88
C GLN C 170 4.44 -26.58 -4.26
N LYS C 171 3.55 -25.59 -4.25
CA LYS C 171 3.96 -24.23 -4.60
C LYS C 171 4.77 -23.64 -3.45
N GLU C 172 6.08 -23.66 -3.59
CA GLU C 172 7.00 -23.00 -2.66
C GLU C 172 7.87 -22.05 -3.47
N GLY C 173 7.91 -20.79 -3.04
CA GLY C 173 8.60 -19.78 -3.81
C GLY C 173 7.72 -19.22 -4.91
N LEU C 174 8.36 -18.80 -6.01
CA LEU C 174 7.64 -18.16 -7.12
C LEU C 174 6.60 -19.08 -7.77
N HIS C 175 7.05 -20.30 -8.09
CA HIS C 175 6.17 -21.28 -8.79
C HIS C 175 6.47 -22.70 -8.29
N TYR C 176 5.47 -23.59 -8.45
CA TYR C 176 5.59 -25.01 -8.08
C TYR C 176 6.94 -25.58 -8.47
N THR C 177 7.60 -26.25 -7.53
CA THR C 177 8.83 -26.97 -7.76
C THR C 177 8.73 -28.40 -7.25
N CYS C 178 9.45 -29.31 -7.89
CA CYS C 178 9.40 -30.72 -7.54
C CYS C 178 10.70 -31.08 -6.83
N SER C 179 10.75 -30.72 -5.55
CA SER C 179 11.89 -30.95 -4.67
C SER C 179 11.58 -32.10 -3.73
N SER C 180 12.41 -33.17 -3.80
CA SER C 180 12.18 -34.38 -3.01
C SER C 180 12.19 -34.05 -1.52
N HIS C 181 11.08 -34.35 -0.84
CA HIS C 181 10.93 -34.09 0.59
C HIS C 181 11.07 -35.40 1.34
N PHE C 182 12.32 -35.81 1.53
CA PHE C 182 12.67 -36.98 2.32
C PHE C 182 12.35 -36.73 3.80
N PRO C 183 12.23 -37.79 4.64
CA PRO C 183 11.69 -37.61 6.00
C PRO C 183 12.50 -36.70 6.91
N TYR C 184 11.77 -35.86 7.64
CA TYR C 184 12.36 -34.85 8.52
C TYR C 184 12.99 -35.44 9.77
N SER C 185 12.44 -36.56 10.28
CA SER C 185 12.90 -37.11 11.55
C SER C 185 14.34 -37.60 11.50
N GLN C 186 14.78 -38.12 10.35
CA GLN C 186 16.15 -38.58 10.15
C GLN C 186 16.84 -37.74 9.08
N TYR C 187 16.63 -36.42 9.15
CA TYR C 187 16.98 -35.48 8.08
C TYR C 187 18.48 -35.44 7.81
N GLN C 188 19.29 -35.45 8.88
CA GLN C 188 20.74 -35.35 8.73
C GLN C 188 21.32 -36.60 8.06
N PHE C 189 20.69 -37.76 8.27
CA PHE C 189 21.18 -39.01 7.69
C PHE C 189 21.05 -39.00 6.16
N TRP C 190 19.85 -38.72 5.64
CA TRP C 190 19.59 -38.83 4.20
C TRP C 190 20.35 -37.79 3.40
N LYS C 191 20.52 -36.58 3.95
CA LYS C 191 21.19 -35.50 3.23
C LYS C 191 22.64 -35.84 2.92
N ASN C 192 23.37 -36.36 3.91
CA ASN C 192 24.74 -36.79 3.68
C ASN C 192 24.80 -38.07 2.87
N PHE C 193 23.73 -38.89 2.90
CA PHE C 193 23.67 -40.18 2.20
C PHE C 193 23.56 -40.02 0.68
N GLN C 194 23.43 -38.81 0.16
CA GLN C 194 23.22 -38.62 -1.27
C GLN C 194 24.44 -38.05 -1.96
N THR C 195 25.22 -37.23 -1.25
CA THR C 195 26.45 -36.67 -1.80
C THR C 195 27.47 -37.77 -2.12
N LEU C 196 27.60 -38.75 -1.22
CA LEU C 196 28.58 -39.82 -1.39
C LEU C 196 28.23 -40.75 -2.56
N LYS C 197 26.94 -41.03 -2.76
CA LYS C 197 26.53 -42.00 -3.79
C LYS C 197 26.86 -41.53 -5.20
N ILE C 198 26.71 -40.23 -5.47
CA ILE C 198 27.15 -39.71 -6.76
C ILE C 198 28.67 -39.70 -6.86
N VAL C 199 29.36 -39.33 -5.76
CA VAL C 199 30.80 -39.17 -5.83
C VAL C 199 31.52 -40.53 -5.85
N ILE C 200 31.06 -41.48 -5.04
CA ILE C 200 31.70 -42.80 -5.04
C ILE C 200 31.45 -43.54 -6.35
N LEU C 201 30.18 -43.68 -6.74
CA LEU C 201 29.85 -44.43 -7.95
C LEU C 201 30.28 -43.71 -9.22
N GLY C 202 30.19 -42.38 -9.24
CA GLY C 202 30.52 -41.66 -10.45
C GLY C 202 31.94 -41.15 -10.59
N LEU C 203 32.66 -40.98 -9.49
CA LEU C 203 34.04 -40.50 -9.56
C LEU C 203 35.04 -41.47 -8.94
N VAL C 204 34.80 -41.93 -7.71
CA VAL C 204 35.77 -42.76 -7.00
C VAL C 204 35.90 -44.14 -7.64
N LEU C 205 34.77 -44.81 -7.87
CA LEU C 205 34.79 -46.14 -8.50
C LEU C 205 35.40 -46.17 -9.90
N PRO C 206 35.07 -45.29 -10.87
CA PRO C 206 35.77 -45.37 -12.16
C PRO C 206 37.22 -44.93 -12.09
N LEU C 207 37.60 -44.10 -11.11
CA LEU C 207 39.00 -43.79 -10.90
C LEU C 207 39.76 -45.03 -10.42
N LEU C 208 39.16 -45.80 -9.51
CA LEU C 208 39.76 -47.03 -9.03
C LEU C 208 39.90 -48.05 -10.16
N VAL C 209 38.89 -48.11 -11.04
CA VAL C 209 38.97 -48.98 -12.22
C VAL C 209 40.09 -48.51 -13.15
N MET C 210 40.17 -47.19 -13.39
CA MET C 210 41.15 -46.64 -14.32
C MET C 210 42.59 -46.89 -13.87
N VAL C 211 42.86 -46.72 -12.56
CA VAL C 211 44.19 -47.00 -12.02
C VAL C 211 44.55 -48.48 -12.20
N ILE C 212 43.67 -49.38 -11.74
CA ILE C 212 43.90 -50.82 -11.84
C ILE C 212 44.03 -51.28 -13.28
N CYS C 213 43.02 -50.97 -14.11
CA CYS C 213 42.97 -51.56 -15.46
C CYS C 213 44.02 -50.98 -16.39
N TYR C 214 44.25 -49.68 -16.37
CA TYR C 214 45.19 -49.10 -17.32
C TYR C 214 46.64 -49.24 -16.88
N SER C 215 46.90 -49.76 -15.68
CA SER C 215 48.25 -50.16 -15.33
C SER C 215 48.59 -51.53 -15.89
N GLY C 216 47.60 -52.42 -15.98
CA GLY C 216 47.81 -53.70 -16.63
C GLY C 216 47.90 -53.59 -18.14
N ILE C 217 47.22 -52.60 -18.72
CA ILE C 217 47.20 -52.44 -20.18
C ILE C 217 48.49 -51.78 -20.65
N LEU C 218 48.96 -50.76 -19.92
CA LEU C 218 50.20 -50.07 -20.26
C LEU C 218 51.43 -50.99 -20.16
N LYS C 219 51.34 -52.05 -19.35
CA LYS C 219 52.39 -53.07 -19.28
C LYS C 219 52.66 -53.70 -20.64
N THR C 220 51.61 -53.88 -21.46
CA THR C 220 51.79 -54.40 -22.82
C THR C 220 52.58 -53.42 -23.69
N LEU C 221 52.37 -52.12 -23.48
CA LEU C 221 53.10 -51.11 -24.25
C LEU C 221 54.59 -51.10 -23.89
N LEU C 222 54.93 -51.47 -22.65
CA LEU C 222 56.33 -51.55 -22.27
C LEU C 222 57.02 -52.76 -22.87
N ARG C 223 56.28 -53.86 -23.06
CA ARG C 223 56.90 -55.10 -23.54
C ARG C 223 57.26 -55.01 -25.02
N CYS C 224 56.27 -54.75 -25.88
CA CYS C 224 56.48 -54.75 -27.31
C CYS C 224 55.53 -53.78 -27.98
N ARG C 225 55.84 -53.43 -29.23
CA ARG C 225 55.02 -52.55 -30.04
C ARG C 225 54.62 -53.23 -31.36
N ASN C 226 54.52 -54.55 -31.34
CA ASN C 226 54.36 -55.33 -32.58
C ASN C 226 53.00 -55.11 -33.23
N GLU C 227 51.94 -54.95 -32.43
CA GLU C 227 50.58 -54.85 -32.94
C GLU C 227 50.08 -53.42 -32.71
N LYS C 228 50.01 -52.65 -33.81
CA LYS C 228 49.49 -51.28 -33.73
C LYS C 228 48.01 -51.26 -33.41
N LYS C 229 47.25 -52.20 -34.00
CA LYS C 229 45.79 -52.21 -33.86
C LYS C 229 45.36 -52.49 -32.41
N ARG C 230 46.14 -53.26 -31.67
CA ARG C 230 45.89 -53.42 -30.24
C ARG C 230 46.12 -52.11 -29.49
N HIS C 231 47.18 -51.38 -29.84
CA HIS C 231 47.43 -50.08 -29.23
C HIS C 231 46.38 -49.05 -29.62
N ARG C 232 45.92 -49.09 -30.87
CA ARG C 232 44.93 -48.13 -31.35
C ARG C 232 43.55 -48.41 -30.78
N ALA C 233 43.26 -49.67 -30.43
CA ALA C 233 41.96 -50.02 -29.87
C ALA C 233 41.80 -49.48 -28.46
N VAL C 234 42.89 -49.50 -27.67
CA VAL C 234 42.89 -48.93 -26.31
C VAL C 234 42.62 -47.43 -26.34
N ARG C 235 42.97 -46.76 -27.44
CA ARG C 235 42.79 -45.31 -27.57
C ARG C 235 41.31 -44.91 -27.53
N LEU C 236 40.43 -45.77 -28.03
CA LEU C 236 39.00 -45.50 -27.99
C LEU C 236 38.47 -45.53 -26.56
N ILE C 237 38.73 -46.63 -25.85
CA ILE C 237 38.20 -46.81 -24.50
C ILE C 237 38.84 -45.83 -23.52
N PHE C 238 40.11 -45.45 -23.76
CA PHE C 238 40.79 -44.51 -22.88
C PHE C 238 40.21 -43.10 -23.03
N THR C 239 39.90 -42.70 -24.26
CA THR C 239 39.35 -41.36 -24.52
C THR C 239 37.98 -41.17 -23.87
N ILE C 240 37.12 -42.19 -23.97
CA ILE C 240 35.78 -42.15 -23.39
C ILE C 240 35.83 -41.93 -21.88
N MET C 241 36.76 -42.61 -21.19
CA MET C 241 36.90 -42.47 -19.75
C MET C 241 37.33 -41.05 -19.35
N ILE C 242 38.30 -40.47 -20.06
CA ILE C 242 38.86 -39.21 -19.60
C ILE C 242 37.97 -38.02 -19.99
N VAL C 243 37.28 -38.10 -21.12
CA VAL C 243 36.32 -37.06 -21.49
C VAL C 243 35.14 -37.06 -20.52
N TYR C 244 34.73 -38.24 -20.03
CA TYR C 244 33.78 -38.32 -18.93
C TYR C 244 34.30 -37.62 -17.68
N PHE C 245 35.60 -37.79 -17.39
CA PHE C 245 36.19 -37.14 -16.23
C PHE C 245 36.36 -35.64 -16.43
N LEU C 246 36.66 -35.21 -17.67
CA LEU C 246 36.79 -33.79 -17.95
C LEU C 246 35.46 -33.05 -17.74
N PHE C 247 34.34 -33.72 -18.02
CA PHE C 247 33.03 -33.08 -17.99
C PHE C 247 32.22 -33.31 -16.71
N TRP C 248 32.52 -34.34 -15.93
CA TRP C 248 31.70 -34.66 -14.76
C TRP C 248 32.42 -34.50 -13.42
N ALA C 249 33.74 -34.73 -13.38
CA ALA C 249 34.47 -34.54 -12.13
C ALA C 249 34.49 -33.11 -11.58
N PRO C 250 34.46 -32.01 -12.37
CA PRO C 250 34.25 -30.70 -11.75
C PRO C 250 32.94 -30.60 -10.99
N TYR C 251 31.86 -31.20 -11.49
CA TYR C 251 30.60 -31.23 -10.76
C TYR C 251 30.71 -32.04 -9.46
N ASN C 252 31.36 -33.20 -9.53
CA ASN C 252 31.50 -34.08 -8.37
C ASN C 252 32.27 -33.40 -7.23
N ILE C 253 33.31 -32.62 -7.57
CA ILE C 253 34.06 -31.89 -6.56
C ILE C 253 33.19 -30.81 -5.93
N VAL C 254 32.47 -30.03 -6.75
CA VAL C 254 31.61 -28.97 -6.26
C VAL C 254 30.46 -29.54 -5.43
N LEU C 255 29.93 -30.71 -5.83
CA LEU C 255 28.80 -31.32 -5.14
C LEU C 255 29.16 -31.71 -3.71
N LEU C 256 30.41 -32.11 -3.47
CA LEU C 256 30.88 -32.30 -2.11
C LEU C 256 30.91 -30.98 -1.35
N LEU C 257 31.37 -29.91 -2.00
CA LEU C 257 31.42 -28.59 -1.37
C LEU C 257 30.04 -28.02 -1.08
N ASN C 258 29.04 -28.38 -1.89
CA ASN C 258 27.68 -27.83 -1.73
C ASN C 258 27.07 -28.25 -0.40
N THR C 259 27.21 -29.53 -0.05
CA THR C 259 26.72 -29.98 1.25
C THR C 259 27.63 -29.53 2.38
N PHE C 260 28.95 -29.64 2.18
CA PHE C 260 29.92 -29.33 3.24
C PHE C 260 30.36 -27.88 3.15
N GLN C 261 29.48 -26.99 3.59
CA GLN C 261 29.81 -25.59 3.85
C GLN C 261 30.08 -25.35 5.33
N GLU C 262 30.15 -26.41 6.12
CA GLU C 262 30.44 -26.34 7.55
C GLU C 262 31.96 -26.32 7.75
N PHE C 263 32.40 -26.67 8.97
CA PHE C 263 33.81 -26.66 9.37
C PHE C 263 34.72 -27.46 8.42
N PHE C 264 34.17 -28.49 7.76
CA PHE C 264 34.93 -29.31 6.81
C PHE C 264 35.52 -28.47 5.68
N GLY C 265 34.75 -27.51 5.15
CA GLY C 265 35.25 -26.70 4.05
C GLY C 265 35.36 -25.22 4.32
N LEU C 266 34.51 -24.42 3.68
CA LEU C 266 34.55 -22.97 3.81
C LEU C 266 33.21 -22.48 4.35
N ASN C 267 33.27 -21.46 5.23
CA ASN C 267 32.10 -21.02 5.96
C ASN C 267 31.58 -19.65 5.53
N ASN C 268 32.38 -18.84 4.83
CA ASN C 268 31.96 -17.52 4.39
C ASN C 268 30.78 -17.61 3.42
N CYS C 269 29.88 -16.62 3.50
CA CYS C 269 28.75 -16.59 2.57
C CYS C 269 29.19 -16.16 1.18
N SER C 270 30.20 -15.27 1.10
CA SER C 270 30.78 -14.89 -0.18
C SER C 270 31.52 -16.06 -0.82
N SER C 271 32.05 -16.98 -0.01
CA SER C 271 32.56 -18.23 -0.54
C SER C 271 31.44 -19.11 -1.11
N SER C 272 30.24 -19.01 -0.54
CA SER C 272 29.07 -19.71 -1.07
C SER C 272 28.34 -18.91 -2.15
N ASN C 273 28.76 -17.67 -2.39
CA ASN C 273 28.15 -16.86 -3.45
C ASN C 273 28.91 -17.00 -4.76
N ARG C 274 30.22 -17.22 -4.69
CA ARG C 274 30.94 -17.72 -5.86
C ARG C 274 30.57 -19.17 -6.14
N LEU C 275 30.31 -19.95 -5.10
CA LEU C 275 29.89 -21.34 -5.24
C LEU C 275 28.50 -21.45 -5.86
N ASP C 276 27.65 -20.44 -5.68
CA ASP C 276 26.34 -20.43 -6.33
C ASP C 276 26.47 -20.31 -7.84
N GLN C 277 27.55 -19.69 -8.32
CA GLN C 277 27.82 -19.59 -9.74
C GLN C 277 28.73 -20.70 -10.23
N ALA C 278 29.13 -21.61 -9.35
CA ALA C 278 29.99 -22.73 -9.69
C ALA C 278 29.20 -24.03 -9.91
N MET C 279 28.17 -24.27 -9.09
CA MET C 279 27.41 -25.50 -9.18
C MET C 279 26.63 -25.60 -10.50
N GLN C 280 26.08 -24.49 -10.97
CA GLN C 280 25.25 -24.52 -12.16
C GLN C 280 26.07 -24.69 -13.43
N VAL C 281 27.26 -24.10 -13.47
CA VAL C 281 28.13 -24.21 -14.66
C VAL C 281 28.61 -25.65 -14.82
N THR C 282 29.05 -26.28 -13.72
CA THR C 282 29.56 -27.63 -13.80
C THR C 282 28.46 -28.66 -14.00
N GLU C 283 27.24 -28.36 -13.56
CA GLU C 283 26.09 -29.19 -13.91
C GLU C 283 25.76 -29.05 -15.40
N THR C 284 25.90 -27.83 -15.93
CA THR C 284 25.66 -27.59 -17.35
C THR C 284 26.71 -28.29 -18.21
N LEU C 285 27.98 -28.24 -17.78
CA LEU C 285 29.05 -28.98 -18.43
C LEU C 285 28.78 -30.49 -18.45
N GLY C 286 28.29 -31.03 -17.33
CA GLY C 286 27.83 -32.40 -17.30
C GLY C 286 26.68 -32.68 -18.25
N MET C 287 25.76 -31.72 -18.40
CA MET C 287 24.62 -31.89 -19.30
C MET C 287 25.06 -32.04 -20.75
N THR C 288 26.12 -31.34 -21.14
CA THR C 288 26.61 -31.38 -22.52
C THR C 288 27.28 -32.69 -22.89
N HIS C 289 27.59 -33.56 -21.91
CA HIS C 289 28.39 -34.76 -22.18
C HIS C 289 27.66 -35.77 -23.08
N CYS C 290 26.32 -35.77 -23.06
CA CYS C 290 25.54 -36.80 -23.76
C CYS C 290 25.66 -36.75 -25.28
N CYS C 291 26.15 -35.65 -25.84
CA CYS C 291 26.36 -35.56 -27.28
C CYS C 291 27.82 -35.74 -27.68
N ILE C 292 28.71 -35.88 -26.71
CA ILE C 292 30.14 -35.89 -27.00
C ILE C 292 30.60 -37.27 -27.44
N ASN C 293 29.99 -38.33 -26.90
CA ASN C 293 30.36 -39.70 -27.25
C ASN C 293 30.22 -40.06 -28.73
N PRO C 294 29.19 -39.61 -29.48
CA PRO C 294 29.28 -39.80 -30.94
C PRO C 294 30.37 -38.97 -31.61
N ILE C 295 30.64 -37.76 -31.10
CA ILE C 295 31.71 -36.91 -31.65
C ILE C 295 33.06 -37.59 -31.47
N ILE C 296 33.27 -38.23 -30.31
CA ILE C 296 34.48 -39.02 -30.07
C ILE C 296 34.60 -40.17 -31.08
N TYR C 297 33.46 -40.79 -31.41
CA TYR C 297 33.47 -41.92 -32.35
C TYR C 297 33.85 -41.49 -33.76
N ALA C 298 33.58 -40.23 -34.13
CA ALA C 298 33.95 -39.73 -35.44
C ALA C 298 35.39 -39.23 -35.51
N PHE C 299 36.08 -39.10 -34.37
CA PHE C 299 37.46 -38.64 -34.34
C PHE C 299 38.42 -39.74 -33.92
N VAL C 300 38.19 -40.36 -32.76
CA VAL C 300 39.12 -41.36 -32.25
C VAL C 300 38.90 -42.70 -32.93
N GLY C 301 37.64 -43.11 -33.07
CA GLY C 301 37.27 -44.43 -33.54
C GLY C 301 37.68 -44.75 -34.97
N GLU C 302 38.56 -45.75 -35.12
CA GLU C 302 39.09 -46.14 -36.42
C GLU C 302 38.32 -47.31 -37.03
N LYS C 303 37.10 -47.55 -36.55
CA LYS C 303 36.20 -48.53 -37.15
C LYS C 303 34.93 -47.91 -37.70
N PHE C 304 34.52 -46.74 -37.21
CA PHE C 304 33.26 -46.13 -37.61
C PHE C 304 33.47 -45.13 -38.75
N ARG C 305 34.29 -44.13 -38.53
CA ARG C 305 34.58 -43.08 -39.51
C ARG C 305 36.08 -42.96 -39.75
N ASN C 306 36.73 -44.11 -39.96
CA ASN C 306 38.18 -44.12 -40.22
C ASN C 306 38.51 -43.51 -41.57
N TYR C 307 37.62 -43.68 -42.55
CA TYR C 307 37.82 -43.08 -43.86
C TYR C 307 37.64 -41.56 -43.83
N LEU C 308 36.91 -41.05 -42.83
CA LEU C 308 36.76 -39.61 -42.69
C LEU C 308 38.02 -38.96 -42.12
N LEU C 309 38.82 -39.72 -41.37
CA LEU C 309 40.06 -39.18 -40.84
C LEU C 309 41.09 -38.98 -41.94
N VAL C 310 41.12 -39.89 -42.91
CA VAL C 310 42.01 -39.72 -44.07
C VAL C 310 41.47 -38.63 -44.99
N PHE C 311 40.15 -38.55 -45.13
CA PHE C 311 39.54 -37.55 -46.01
C PHE C 311 39.67 -36.14 -45.45
N PHE C 312 39.72 -36.00 -44.12
CA PHE C 312 39.86 -34.68 -43.53
C PHE C 312 41.29 -34.16 -43.67
N GLN C 313 42.28 -35.02 -43.50
CA GLN C 313 43.68 -34.62 -43.59
C GLN C 313 44.15 -34.64 -45.04
#